data_2IH8
#
_entry.id   2IH8
#
_cell.length_a   173.060
_cell.length_b   61.810
_cell.length_c   123.910
_cell.angle_alpha   90.00
_cell.angle_beta   96.36
_cell.angle_gamma   90.00
#
_symmetry.space_group_name_H-M   'C 1 2 1'
#
loop_
_entity.id
_entity.type
_entity.pdbx_description
1 polymer Laccase-1
2 branched alpha-D-mannopyranose-(1-3)-[alpha-D-mannopyranose-(1-6)]beta-D-mannopyranose-(1-4)-2-acetamido-2-deoxy-beta-D-glucopyranose-(1-4)-2-acetamido-2-deoxy-beta-D-glucopyranose
3 branched beta-D-mannopyranose-(1-4)-2-acetamido-2-deoxy-beta-D-glucopyranose-(1-4)-2-acetamido-2-deoxy-beta-D-glucopyranose
4 branched 2-acetamido-2-deoxy-beta-D-glucopyranose-(1-4)-2-acetamido-2-deoxy-beta-D-glucopyranose
5 branched alpha-D-mannopyranose-(1-6)-beta-D-mannopyranose-(1-4)-2-acetamido-2-deoxy-beta-D-glucopyranose-(1-4)-2-acetamido-2-deoxy-beta-D-glucopyranose
6 non-polymer 2-acetamido-2-deoxy-beta-D-glucopyranose
7 non-polymer 'COPPER (II) ION'
8 non-polymer 'CHLORIDE ION'
9 non-polymer 'SULFATE ION'
10 non-polymer 'OXYGEN MOLECULE'
11 water water
#
_entity_poly.entity_id   1
_entity_poly.type   'polypeptide(L)'
_entity_poly.pdbx_seq_one_letter_code
;EPTCNTPSNRACWSDGFDINTDYEVSTPDTGVTQSYVFNLTEVDNWMGPDGVVKEKVMLINGNIMGPNIVANWGDTVEVT
VINNLVTNGTSIHWHGIHQKDTNLHDGANGVTECPIPPKGGQRTYRWRARQYGTSWYHSHFSAQYGNGVVGTIQINGPAS
LPYDIDLGVFPITDYYYRAADDLVHFTQNNAPPFSDNVLINGTAVNPNTGEGQYANVTLTPGKRHRLRILNTSTENHFQV
SLVNHTMTVIAADMVPVNAMTVDSLFLAVGQRYDVVIDASRAPDNYWFNVTFGGQAACGGSLNPHPAAIFHYAGAPGGLP
TDEGTPPVDHQCLDTLDVRPVVPRSVPVNSFVKRPDNTLPVALDLTGTPLFVWKVNGSDINVDWGKPIIDYILTGNTSYP
VSDNIVQVDAVDQWTYWLIENDPEGPFSLPHPMHLHGHDFLVLGRSPDVPAASQQRFVFDPAVDLARLNGDNPPRRDTTM
LPAGGWLLLAFRTDNPGAWLFHCHIAWHVSGGLSVDFLERPADLRQRISQEDEDDFNRVCDEWRAYWPTNPYPKIDSGL
;
_entity_poly.pdbx_strand_id   A,B
#
# COMPACT_ATOMS: atom_id res chain seq x y z
N GLU A 1 -29.37 -5.52 37.25
CA GLU A 1 -30.80 -5.65 36.87
C GLU A 1 -31.45 -4.26 36.70
N PRO A 2 -32.03 -3.97 35.51
CA PRO A 2 -32.68 -2.68 35.24
C PRO A 2 -34.08 -2.51 35.83
N THR A 3 -34.47 -1.25 36.06
CA THR A 3 -35.80 -0.92 36.60
C THR A 3 -36.48 0.21 35.81
N CYS A 4 -35.72 0.94 35.00
CA CYS A 4 -36.27 2.08 34.23
C CYS A 4 -35.73 2.23 32.80
N ASN A 5 -35.07 1.18 32.29
CA ASN A 5 -34.51 1.19 30.94
C ASN A 5 -35.60 0.76 29.95
N THR A 6 -36.14 1.75 29.25
CA THR A 6 -37.22 1.57 28.27
C THR A 6 -36.79 2.12 26.91
N PRO A 7 -37.50 1.75 25.79
CA PRO A 7 -37.13 2.27 24.47
C PRO A 7 -37.03 3.79 24.31
N SER A 8 -37.91 4.52 25.01
CA SER A 8 -37.93 5.98 24.97
C SER A 8 -36.99 6.64 25.98
N ASN A 9 -36.58 5.88 27.01
CA ASN A 9 -35.67 6.37 28.04
C ASN A 9 -34.58 5.33 28.28
N ARG A 10 -33.59 5.31 27.39
CA ARG A 10 -32.46 4.38 27.49
C ARG A 10 -31.38 4.96 28.39
N ALA A 11 -31.53 6.24 28.73
CA ALA A 11 -30.61 6.96 29.60
C ALA A 11 -30.68 6.47 31.05
N CYS A 12 -31.86 5.98 31.44
CA CYS A 12 -32.12 5.49 32.79
C CYS A 12 -31.78 4.00 32.91
N TRP A 13 -31.31 3.59 34.09
CA TRP A 13 -30.99 2.19 34.34
C TRP A 13 -31.65 1.70 35.61
N SER A 14 -31.19 2.23 36.75
CA SER A 14 -31.74 1.89 38.06
C SER A 14 -31.56 3.10 38.97
N ASP A 15 -32.00 2.99 40.23
CA ASP A 15 -31.88 4.07 41.20
C ASP A 15 -30.42 4.40 41.51
N GLY A 16 -30.01 5.62 41.13
CA GLY A 16 -28.65 6.08 41.34
C GLY A 16 -27.70 5.76 40.21
N PHE A 17 -28.21 5.05 39.20
CA PHE A 17 -27.42 4.63 38.06
C PHE A 17 -28.06 4.97 36.72
N ASP A 18 -27.40 5.83 35.96
CA ASP A 18 -27.87 6.26 34.64
C ASP A 18 -26.68 6.50 33.70
N ILE A 19 -26.94 7.10 32.54
CA ILE A 19 -25.89 7.39 31.54
C ILE A 19 -24.85 8.43 31.99
N ASN A 20 -25.23 9.26 32.96
CA ASN A 20 -24.37 10.30 33.48
C ASN A 20 -23.54 9.88 34.70
N THR A 21 -23.84 8.69 35.23
CA THR A 21 -23.11 8.14 36.38
C THR A 21 -21.69 7.83 35.93
N ASP A 22 -20.72 8.18 36.77
CA ASP A 22 -19.31 7.90 36.49
C ASP A 22 -19.11 6.42 36.83
N TYR A 23 -19.20 5.59 35.81
CA TYR A 23 -19.07 4.12 35.90
C TYR A 23 -17.69 3.63 36.36
N GLU A 24 -16.67 4.46 36.20
CA GLU A 24 -15.31 4.11 36.61
C GLU A 24 -15.11 4.10 38.12
N VAL A 25 -16.01 4.78 38.84
CA VAL A 25 -15.94 4.86 40.29
C VAL A 25 -17.20 4.40 41.04
N SER A 26 -18.31 4.23 40.31
CA SER A 26 -19.58 3.80 40.91
C SER A 26 -20.15 2.61 40.12
N THR A 27 -20.45 1.53 40.85
CA THR A 27 -20.94 0.28 40.25
C THR A 27 -22.14 -0.32 41.02
N PRO A 28 -23.19 -0.80 40.30
CA PRO A 28 -24.38 -1.39 40.94
C PRO A 28 -24.07 -2.69 41.66
N ASP A 29 -24.63 -2.85 42.85
CA ASP A 29 -24.46 -4.05 43.63
C ASP A 29 -25.70 -4.90 43.35
N THR A 30 -25.61 -5.72 42.30
CA THR A 30 -26.71 -6.59 41.89
C THR A 30 -26.69 -7.93 42.62
N GLY A 31 -25.49 -8.39 42.97
CA GLY A 31 -25.31 -9.66 43.65
C GLY A 31 -25.47 -10.88 42.75
N VAL A 32 -25.63 -10.62 41.45
CA VAL A 32 -25.81 -11.66 40.44
C VAL A 32 -24.49 -12.04 39.77
N THR A 33 -24.33 -13.34 39.52
CA THR A 33 -23.16 -13.88 38.85
C THR A 33 -23.61 -14.67 37.62
N GLN A 34 -23.02 -14.34 36.48
CA GLN A 34 -23.30 -15.04 35.22
C GLN A 34 -22.10 -15.92 34.94
N SER A 35 -22.35 -17.23 34.97
CA SER A 35 -21.32 -18.25 34.77
C SER A 35 -21.30 -18.93 33.42
N TYR A 36 -20.09 -19.20 32.93
CA TYR A 36 -19.84 -19.85 31.64
C TYR A 36 -18.69 -20.83 31.79
N VAL A 37 -18.66 -21.82 30.90
CA VAL A 37 -17.59 -22.83 30.87
C VAL A 37 -17.06 -22.85 29.44
N PHE A 38 -15.77 -22.54 29.31
CA PHE A 38 -15.09 -22.51 28.01
C PHE A 38 -14.27 -23.78 27.85
N ASN A 39 -14.72 -24.67 26.95
CA ASN A 39 -14.00 -25.91 26.69
C ASN A 39 -13.29 -25.69 25.35
N LEU A 40 -11.97 -25.53 25.43
CA LEU A 40 -11.16 -25.32 24.23
C LEU A 40 -10.73 -26.64 23.64
N THR A 41 -11.10 -26.90 22.38
CA THR A 41 -10.70 -28.14 21.72
C THR A 41 -9.94 -27.82 20.45
N GLU A 42 -9.09 -28.76 20.04
CA GLU A 42 -8.30 -28.62 18.84
C GLU A 42 -8.95 -29.51 17.78
N VAL A 43 -9.49 -28.87 16.75
CA VAL A 43 -10.16 -29.60 15.67
C VAL A 43 -9.38 -29.49 14.36
N ASP A 44 -9.05 -30.65 13.80
CA ASP A 44 -8.33 -30.72 12.53
C ASP A 44 -9.34 -30.90 11.40
N ASN A 45 -8.98 -30.41 10.22
CA ASN A 45 -9.80 -30.49 9.00
C ASN A 45 -11.26 -30.08 9.22
N TRP A 46 -11.40 -28.87 9.75
CA TRP A 46 -12.68 -28.28 10.09
C TRP A 46 -13.28 -27.51 8.93
N MET A 47 -14.56 -27.78 8.67
CA MET A 47 -15.30 -27.13 7.59
C MET A 47 -15.69 -25.72 8.05
N GLY A 48 -15.11 -24.72 7.39
CA GLY A 48 -15.38 -23.33 7.69
C GLY A 48 -16.65 -22.82 7.06
N PRO A 49 -17.15 -21.63 7.47
CA PRO A 49 -18.38 -21.03 6.96
C PRO A 49 -18.45 -20.68 5.47
N ASP A 50 -17.29 -20.52 4.82
CA ASP A 50 -17.27 -20.22 3.39
C ASP A 50 -17.04 -21.44 2.50
N GLY A 51 -17.13 -22.63 3.11
CA GLY A 51 -16.97 -23.87 2.37
C GLY A 51 -15.59 -24.47 2.34
N VAL A 52 -14.56 -23.67 2.67
CA VAL A 52 -13.18 -24.15 2.67
C VAL A 52 -12.86 -24.82 4.00
N VAL A 53 -12.15 -25.94 3.88
CA VAL A 53 -11.74 -26.75 5.01
C VAL A 53 -10.38 -26.26 5.51
N LYS A 54 -10.34 -25.87 6.79
CA LYS A 54 -9.11 -25.39 7.41
C LYS A 54 -8.36 -26.55 8.04
N GLU A 55 -7.03 -26.51 7.92
CA GLU A 55 -6.12 -27.53 8.45
C GLU A 55 -6.32 -27.78 9.95
N LYS A 56 -6.35 -26.69 10.71
CA LYS A 56 -6.52 -26.75 12.17
C LYS A 56 -7.12 -25.48 12.73
N VAL A 57 -8.00 -25.65 13.71
CA VAL A 57 -8.65 -24.55 14.43
C VAL A 57 -8.68 -24.92 15.91
N MET A 58 -8.81 -23.90 16.76
CA MET A 58 -8.88 -24.06 18.21
C MET A 58 -10.16 -23.35 18.59
N LEU A 59 -11.16 -24.16 18.94
CA LEU A 59 -12.51 -23.67 19.26
C LEU A 59 -12.96 -23.78 20.70
N ILE A 60 -13.86 -22.87 21.06
CA ILE A 60 -14.46 -22.84 22.38
C ILE A 60 -15.86 -23.44 22.18
N ASN A 61 -16.14 -24.50 22.94
CA ASN A 61 -17.41 -25.24 22.92
C ASN A 61 -17.87 -25.73 21.54
N GLY A 62 -16.88 -26.07 20.69
CA GLY A 62 -17.12 -26.58 19.35
C GLY A 62 -17.65 -25.65 18.28
N ASN A 63 -17.65 -24.35 18.56
CA ASN A 63 -18.15 -23.34 17.60
C ASN A 63 -17.05 -22.39 17.15
N ILE A 64 -17.31 -21.67 16.05
CA ILE A 64 -16.35 -20.71 15.46
C ILE A 64 -15.92 -19.63 16.48
N MET A 65 -16.86 -19.24 17.33
CA MET A 65 -16.61 -18.27 18.39
C MET A 65 -17.14 -18.88 19.67
N GLY A 66 -16.69 -18.32 20.80
CA GLY A 66 -17.16 -18.80 22.08
C GLY A 66 -18.55 -18.27 22.35
N PRO A 67 -19.17 -18.59 23.51
CA PRO A 67 -20.52 -18.06 23.75
C PRO A 67 -20.48 -16.54 23.97
N ASN A 68 -21.60 -15.90 23.66
CA ASN A 68 -21.74 -14.46 23.83
C ASN A 68 -22.00 -14.21 25.30
N ILE A 69 -21.01 -13.63 25.98
CA ILE A 69 -21.14 -13.31 27.40
C ILE A 69 -22.14 -12.16 27.52
N VAL A 70 -23.22 -12.42 28.25
CA VAL A 70 -24.27 -11.44 28.48
C VAL A 70 -24.51 -11.32 29.99
N ALA A 71 -24.44 -10.09 30.49
CA ALA A 71 -24.67 -9.77 31.90
C ALA A 71 -25.09 -8.32 32.00
N ASN A 72 -25.52 -7.91 33.20
CA ASN A 72 -25.94 -6.53 33.44
C ASN A 72 -24.81 -5.80 34.15
N TRP A 73 -24.89 -4.47 34.10
CA TRP A 73 -23.92 -3.59 34.75
C TRP A 73 -23.93 -3.84 36.25
N GLY A 74 -22.76 -4.17 36.79
CA GLY A 74 -22.64 -4.45 38.21
C GLY A 74 -22.60 -5.91 38.58
N ASP A 75 -22.95 -6.78 37.63
CA ASP A 75 -22.91 -8.24 37.82
C ASP A 75 -21.45 -8.69 37.87
N THR A 76 -21.27 -9.94 38.27
CA THR A 76 -19.95 -10.54 38.28
C THR A 76 -20.02 -11.61 37.18
N VAL A 77 -19.01 -11.63 36.33
CA VAL A 77 -18.95 -12.62 35.27
C VAL A 77 -17.88 -13.62 35.70
N GLU A 78 -18.24 -14.90 35.63
CA GLU A 78 -17.35 -15.97 36.03
C GLU A 78 -17.22 -16.97 34.89
N VAL A 79 -15.98 -17.23 34.51
CA VAL A 79 -15.72 -18.15 33.41
C VAL A 79 -14.66 -19.21 33.74
N THR A 80 -15.06 -20.48 33.66
CA THR A 80 -14.14 -21.59 33.89
C THR A 80 -13.60 -22.00 32.53
N VAL A 81 -12.30 -21.82 32.34
CA VAL A 81 -11.67 -22.18 31.08
C VAL A 81 -10.94 -23.50 31.23
N ILE A 82 -11.37 -24.47 30.44
CA ILE A 82 -10.78 -25.81 30.45
C ILE A 82 -10.05 -25.95 29.13
N ASN A 83 -8.72 -26.07 29.22
CA ASN A 83 -7.87 -26.21 28.06
C ASN A 83 -7.68 -27.67 27.64
N ASN A 84 -8.37 -28.05 26.58
CA ASN A 84 -8.29 -29.40 26.02
C ASN A 84 -7.58 -29.43 24.67
N LEU A 85 -6.70 -28.45 24.45
CA LEU A 85 -5.90 -28.39 23.22
C LEU A 85 -4.81 -29.47 23.39
N VAL A 86 -4.14 -29.84 22.31
CA VAL A 86 -3.13 -30.90 22.40
C VAL A 86 -1.81 -30.45 23.01
N THR A 87 -1.26 -29.33 22.51
CA THR A 87 0.03 -28.84 22.99
C THR A 87 0.03 -27.47 23.63
N ASN A 88 -0.76 -26.57 23.06
CA ASN A 88 -0.86 -25.19 23.50
C ASN A 88 -1.43 -24.93 24.88
N GLY A 89 -0.86 -23.92 25.53
CA GLY A 89 -1.40 -23.46 26.80
C GLY A 89 -2.41 -22.41 26.34
N THR A 90 -3.07 -21.74 27.27
CA THR A 90 -4.03 -20.69 26.91
C THR A 90 -4.23 -19.72 28.06
N SER A 91 -4.77 -18.56 27.74
CA SER A 91 -5.08 -17.52 28.71
C SER A 91 -6.07 -16.61 28.03
N ILE A 92 -7.27 -16.52 28.60
CA ILE A 92 -8.32 -15.70 28.01
C ILE A 92 -8.30 -14.29 28.58
N HIS A 93 -8.09 -13.32 27.69
CA HIS A 93 -8.06 -11.91 28.03
C HIS A 93 -9.42 -11.30 27.74
N TRP A 94 -9.88 -10.48 28.67
CA TRP A 94 -11.17 -9.82 28.56
C TRP A 94 -10.90 -8.38 28.14
N HIS A 95 -10.80 -8.22 26.81
CA HIS A 95 -10.52 -6.95 26.15
C HIS A 95 -11.59 -5.90 26.40
N GLY A 96 -11.17 -4.79 27.00
CA GLY A 96 -12.07 -3.70 27.31
C GLY A 96 -12.50 -3.69 28.76
N ILE A 97 -12.33 -4.83 29.42
CA ILE A 97 -12.69 -4.98 30.84
C ILE A 97 -11.46 -4.54 31.64
N HIS A 98 -11.65 -3.46 32.39
CA HIS A 98 -10.60 -2.83 33.18
C HIS A 98 -9.90 -3.63 34.27
N GLN A 99 -10.57 -4.66 34.78
CA GLN A 99 -10.05 -5.52 35.85
C GLN A 99 -9.58 -4.68 37.05
N LYS A 100 -10.45 -3.77 37.49
CA LYS A 100 -10.20 -2.85 38.61
C LYS A 100 -9.91 -3.64 39.89
N ASP A 101 -8.62 -3.64 40.25
CA ASP A 101 -8.06 -4.33 41.42
C ASP A 101 -8.12 -5.86 41.30
N THR A 102 -8.32 -6.35 40.07
CA THR A 102 -8.37 -7.78 39.77
C THR A 102 -7.41 -8.09 38.61
N ASN A 103 -6.19 -7.55 38.70
CA ASN A 103 -5.12 -7.73 37.70
C ASN A 103 -4.82 -9.19 37.32
N LEU A 104 -4.89 -10.08 38.31
CA LEU A 104 -4.61 -11.50 38.09
C LEU A 104 -5.63 -12.26 37.25
N HIS A 105 -6.71 -11.57 36.89
CA HIS A 105 -7.77 -12.14 36.04
C HIS A 105 -7.76 -11.55 34.63
N ASP A 106 -6.73 -10.76 34.32
CA ASP A 106 -6.58 -10.11 33.00
C ASP A 106 -6.37 -11.07 31.83
N GLY A 107 -5.81 -12.25 32.10
CA GLY A 107 -5.60 -13.23 31.05
C GLY A 107 -4.39 -12.97 30.16
N ALA A 108 -3.42 -12.23 30.69
CA ALA A 108 -2.21 -11.92 29.94
C ALA A 108 -1.11 -12.86 30.41
N ASN A 109 -0.93 -13.96 29.69
CA ASN A 109 0.11 -14.93 30.07
C ASN A 109 1.52 -14.38 29.99
N GLY A 110 2.30 -14.68 31.03
CA GLY A 110 3.65 -14.19 31.12
C GLY A 110 3.69 -12.83 31.78
N VAL A 111 2.50 -12.30 32.10
CA VAL A 111 2.36 -11.00 32.74
C VAL A 111 1.53 -11.17 34.02
N THR A 112 0.25 -11.50 33.87
CA THR A 112 -0.66 -11.66 35.01
C THR A 112 -0.91 -13.09 35.46
N GLU A 113 -0.43 -14.05 34.66
CA GLU A 113 -0.59 -15.47 34.93
C GLU A 113 0.25 -16.32 34.01
N CYS A 114 0.34 -17.60 34.35
CA CYS A 114 1.02 -18.57 33.50
C CYS A 114 -0.10 -19.14 32.65
N PRO A 115 0.22 -19.69 31.45
CA PRO A 115 -0.84 -20.26 30.61
C PRO A 115 -1.45 -21.47 31.26
N ILE A 116 -2.73 -21.68 30.99
CA ILE A 116 -3.46 -22.83 31.50
C ILE A 116 -2.93 -24.00 30.66
N PRO A 117 -2.36 -25.04 31.31
CA PRO A 117 -1.83 -26.20 30.56
C PRO A 117 -2.89 -26.98 29.76
N PRO A 118 -2.49 -27.60 28.62
CA PRO A 118 -3.43 -28.38 27.81
C PRO A 118 -3.77 -29.71 28.46
N LYS A 119 -4.47 -30.58 27.72
CA LYS A 119 -4.87 -31.91 28.16
C LYS A 119 -5.76 -31.93 29.43
N GLY A 120 -6.55 -30.87 29.62
CA GLY A 120 -7.44 -30.80 30.76
C GLY A 120 -7.19 -29.76 31.84
N GLY A 121 -6.18 -28.92 31.66
CA GLY A 121 -5.89 -27.88 32.64
C GLY A 121 -7.01 -26.86 32.76
N GLN A 122 -7.23 -26.33 33.96
CA GLN A 122 -8.30 -25.35 34.15
C GLN A 122 -7.99 -24.22 35.10
N ARG A 123 -8.75 -23.13 34.92
CA ARG A 123 -8.65 -21.93 35.73
C ARG A 123 -9.99 -21.21 35.59
N THR A 124 -10.44 -20.62 36.69
CA THR A 124 -11.68 -19.89 36.71
C THR A 124 -11.43 -18.39 36.87
N TYR A 125 -11.79 -17.64 35.83
CA TYR A 125 -11.65 -16.19 35.83
C TYR A 125 -12.91 -15.62 36.44
N ARG A 126 -12.74 -14.54 37.19
CA ARG A 126 -13.84 -13.88 37.86
C ARG A 126 -13.59 -12.38 37.82
N TRP A 127 -14.53 -11.65 37.23
CA TRP A 127 -14.41 -10.20 37.14
C TRP A 127 -15.75 -9.47 37.27
N ARG A 128 -15.67 -8.27 37.83
CA ARG A 128 -16.82 -7.42 38.05
C ARG A 128 -17.08 -6.57 36.81
N ALA A 129 -18.34 -6.52 36.39
CA ALA A 129 -18.76 -5.73 35.23
C ALA A 129 -18.98 -4.27 35.64
N ARG A 130 -17.87 -3.54 35.76
CA ARG A 130 -17.86 -2.12 36.15
C ARG A 130 -17.99 -1.17 34.97
N GLN A 131 -18.27 -1.73 33.81
CA GLN A 131 -18.41 -0.94 32.60
C GLN A 131 -19.43 -1.63 31.71
N TYR A 132 -20.31 -0.84 31.12
CA TYR A 132 -21.34 -1.36 30.24
C TYR A 132 -21.06 -1.04 28.78
N GLY A 133 -21.39 -1.99 27.92
CA GLY A 133 -21.19 -1.80 26.49
C GLY A 133 -20.77 -3.08 25.82
N THR A 134 -20.04 -2.91 24.72
CA THR A 134 -19.58 -4.02 23.91
C THR A 134 -18.08 -4.19 23.96
N SER A 135 -17.68 -5.39 24.36
CA SER A 135 -16.29 -5.76 24.45
C SER A 135 -16.15 -7.16 23.89
N TRP A 136 -14.96 -7.72 24.01
CA TRP A 136 -14.70 -9.05 23.51
C TRP A 136 -13.61 -9.73 24.30
N TYR A 137 -13.48 -11.04 24.10
CA TYR A 137 -12.45 -11.80 24.75
C TYR A 137 -11.68 -12.59 23.73
N HIS A 138 -10.45 -12.94 24.07
CA HIS A 138 -9.58 -13.70 23.19
C HIS A 138 -8.38 -14.26 23.93
N SER A 139 -7.74 -15.25 23.33
CA SER A 139 -6.54 -15.84 23.90
C SER A 139 -5.40 -14.83 23.72
N HIS A 140 -4.48 -14.84 24.69
CA HIS A 140 -3.30 -13.98 24.61
C HIS A 140 -2.05 -14.86 24.51
N PHE A 141 -2.27 -16.15 24.20
CA PHE A 141 -1.19 -17.13 24.03
C PHE A 141 -0.72 -17.00 22.60
N SER A 142 0.30 -16.17 22.39
CA SER A 142 0.83 -15.88 21.06
C SER A 142 -0.34 -15.38 20.19
N ALA A 143 -0.49 -15.92 18.98
CA ALA A 143 -1.57 -15.49 18.10
C ALA A 143 -2.69 -16.54 18.06
N GLN A 144 -2.81 -17.32 19.13
CA GLN A 144 -3.79 -18.41 19.24
C GLN A 144 -5.24 -18.02 18.94
N TYR A 145 -5.60 -16.76 19.20
CA TYR A 145 -6.96 -16.29 18.93
C TYR A 145 -7.29 -16.29 17.43
N GLY A 146 -6.24 -16.31 16.61
CA GLY A 146 -6.38 -16.37 15.16
C GLY A 146 -6.89 -17.71 14.68
N ASN A 147 -6.88 -18.70 15.58
CA ASN A 147 -7.35 -20.05 15.32
C ASN A 147 -8.81 -20.24 15.76
N GLY A 148 -9.37 -19.24 16.45
CA GLY A 148 -10.75 -19.33 16.87
C GLY A 148 -11.08 -19.14 18.34
N VAL A 149 -10.07 -18.93 19.19
CA VAL A 149 -10.31 -18.72 20.62
C VAL A 149 -10.66 -17.24 20.82
N VAL A 150 -11.87 -16.91 20.36
CA VAL A 150 -12.43 -15.56 20.39
C VAL A 150 -13.91 -15.62 20.73
N GLY A 151 -14.45 -14.47 21.11
CA GLY A 151 -15.86 -14.35 21.44
C GLY A 151 -16.19 -12.94 21.86
N THR A 152 -17.48 -12.71 22.12
CA THR A 152 -17.97 -11.38 22.48
C THR A 152 -18.49 -11.22 23.90
N ILE A 153 -18.52 -9.96 24.36
CA ILE A 153 -19.03 -9.60 25.68
C ILE A 153 -20.03 -8.45 25.50
N GLN A 154 -21.21 -8.64 26.07
CA GLN A 154 -22.25 -7.62 26.04
C GLN A 154 -22.72 -7.39 27.48
N ILE A 155 -22.26 -6.29 28.07
CA ILE A 155 -22.68 -5.96 29.43
C ILE A 155 -23.75 -4.88 29.24
N ASN A 156 -25.00 -5.27 29.49
CA ASN A 156 -26.13 -4.34 29.34
C ASN A 156 -26.12 -3.23 30.37
N GLY A 157 -26.48 -2.04 29.89
CA GLY A 157 -26.52 -0.86 30.72
C GLY A 157 -27.26 0.24 29.98
N PRO A 158 -27.21 1.49 30.46
CA PRO A 158 -27.90 2.60 29.79
C PRO A 158 -27.21 3.02 28.47
N ALA A 159 -27.86 3.92 27.73
CA ALA A 159 -27.32 4.41 26.47
C ALA A 159 -27.56 5.90 26.30
N SER A 160 -26.80 6.52 25.40
CA SER A 160 -26.88 7.95 25.13
C SER A 160 -27.92 8.37 24.09
N LEU A 161 -28.74 7.41 23.66
CA LEU A 161 -29.79 7.68 22.69
C LEU A 161 -30.87 6.62 22.80
N PRO A 162 -32.16 7.01 22.62
CA PRO A 162 -33.23 6.01 22.71
C PRO A 162 -33.22 5.07 21.48
N TYR A 163 -33.56 3.80 21.71
CA TYR A 163 -33.64 2.80 20.64
C TYR A 163 -34.67 1.76 21.02
N ASP A 164 -35.22 1.08 20.02
CA ASP A 164 -36.25 0.07 20.26
C ASP A 164 -35.76 -1.36 20.38
N ILE A 165 -34.87 -1.76 19.49
CA ILE A 165 -34.35 -3.12 19.43
C ILE A 165 -32.83 -3.17 19.55
N ASP A 166 -32.34 -4.11 20.35
CA ASP A 166 -30.91 -4.33 20.54
C ASP A 166 -30.63 -5.59 19.71
N LEU A 167 -30.04 -5.38 18.53
CA LEU A 167 -29.70 -6.47 17.61
C LEU A 167 -28.54 -7.32 18.09
N GLY A 168 -27.90 -6.87 19.16
CA GLY A 168 -26.79 -7.59 19.75
C GLY A 168 -25.47 -7.39 19.06
N VAL A 169 -24.59 -8.36 19.24
CA VAL A 169 -23.25 -8.31 18.69
C VAL A 169 -23.13 -8.62 17.21
N PHE A 170 -22.19 -7.96 16.57
CA PHE A 170 -21.95 -8.11 15.15
C PHE A 170 -20.42 -8.11 14.93
N PRO A 171 -19.74 -9.21 15.30
CA PRO A 171 -18.29 -9.28 15.12
C PRO A 171 -17.85 -9.45 13.67
N ILE A 172 -16.93 -8.59 13.25
CA ILE A 172 -16.39 -8.64 11.89
C ILE A 172 -14.92 -8.99 12.05
N THR A 173 -14.48 -10.05 11.37
CA THR A 173 -13.10 -10.50 11.47
C THR A 173 -12.50 -10.98 10.18
N ASP A 174 -11.18 -10.86 10.08
CA ASP A 174 -10.45 -11.39 8.94
C ASP A 174 -10.42 -12.89 9.14
N TYR A 175 -10.30 -13.62 8.05
CA TYR A 175 -10.31 -15.07 8.10
C TYR A 175 -9.21 -15.58 7.18
N TYR A 176 -8.35 -16.41 7.75
CA TYR A 176 -7.23 -17.01 7.02
C TYR A 176 -7.37 -18.52 7.07
N TYR A 177 -7.02 -19.18 5.97
CA TYR A 177 -7.09 -20.65 5.89
C TYR A 177 -5.93 -21.28 6.64
N ARG A 178 -4.81 -20.57 6.66
CA ARG A 178 -3.61 -20.99 7.35
C ARG A 178 -3.78 -20.71 8.85
N ALA A 179 -3.23 -21.61 9.67
CA ALA A 179 -3.31 -21.49 11.12
C ALA A 179 -2.43 -20.34 11.64
N ALA A 180 -2.76 -19.86 12.83
CA ALA A 180 -2.08 -18.74 13.48
C ALA A 180 -0.56 -18.84 13.61
N ASP A 181 -0.08 -20.02 14.03
CA ASP A 181 1.36 -20.25 14.21
C ASP A 181 2.14 -20.26 12.90
N ASP A 182 1.49 -20.71 11.83
CA ASP A 182 2.10 -20.75 10.49
C ASP A 182 2.17 -19.33 9.95
N LEU A 183 1.18 -18.52 10.31
CA LEU A 183 1.13 -17.12 9.90
C LEU A 183 2.10 -16.26 10.69
N VAL A 184 2.37 -16.63 11.96
CA VAL A 184 3.33 -15.92 12.80
C VAL A 184 4.71 -16.14 12.18
N HIS A 185 5.01 -17.40 11.85
CA HIS A 185 6.27 -17.80 11.23
C HIS A 185 6.46 -17.09 9.87
N PHE A 186 5.38 -16.99 9.10
CA PHE A 186 5.39 -16.33 7.79
C PHE A 186 5.69 -14.84 7.93
N THR A 187 4.94 -14.17 8.81
CA THR A 187 5.11 -12.73 9.02
C THR A 187 6.41 -12.29 9.69
N GLN A 188 7.14 -13.27 10.23
CA GLN A 188 8.44 -13.01 10.86
C GLN A 188 9.50 -12.68 9.80
N ASN A 189 9.30 -13.20 8.58
CA ASN A 189 10.22 -12.97 7.48
C ASN A 189 9.58 -12.44 6.20
N ASN A 190 8.26 -12.25 6.22
CA ASN A 190 7.52 -11.75 5.06
C ASN A 190 6.49 -10.69 5.45
N ALA A 191 6.04 -9.92 4.46
CA ALA A 191 5.02 -8.89 4.65
C ALA A 191 3.71 -9.65 4.90
N PRO A 192 2.84 -9.15 5.80
CA PRO A 192 1.56 -9.82 6.08
C PRO A 192 0.64 -10.01 4.86
N PRO A 193 0.01 -11.21 4.73
CA PRO A 193 -0.86 -11.44 3.58
C PRO A 193 -2.23 -10.78 3.76
N PHE A 194 -2.98 -10.73 2.66
CA PHE A 194 -4.34 -10.22 2.69
C PHE A 194 -5.15 -11.37 3.27
N SER A 195 -6.29 -11.07 3.88
CA SER A 195 -7.15 -12.11 4.43
C SER A 195 -7.81 -12.89 3.32
N ASP A 196 -8.06 -14.17 3.56
CA ASP A 196 -8.69 -15.00 2.54
C ASP A 196 -10.16 -14.62 2.40
N ASN A 197 -10.74 -14.20 3.52
CA ASN A 197 -12.12 -13.75 3.57
C ASN A 197 -12.30 -12.90 4.82
N VAL A 198 -13.45 -12.26 4.92
CA VAL A 198 -13.80 -11.44 6.06
C VAL A 198 -15.19 -11.91 6.49
N LEU A 199 -15.25 -12.46 7.71
CA LEU A 199 -16.49 -12.96 8.28
C LEU A 199 -17.23 -11.89 9.02
N ILE A 200 -18.54 -11.83 8.77
CA ILE A 200 -19.41 -10.89 9.43
C ILE A 200 -20.40 -11.76 10.18
N ASN A 201 -20.35 -11.67 11.50
CA ASN A 201 -21.17 -12.45 12.43
C ASN A 201 -20.95 -13.95 12.21
N GLY A 202 -19.69 -14.31 11.97
CA GLY A 202 -19.28 -15.68 11.76
C GLY A 202 -19.54 -16.33 10.41
N THR A 203 -19.92 -15.54 9.41
CA THR A 203 -20.20 -16.07 8.08
C THR A 203 -19.84 -15.14 6.91
N ALA A 204 -19.57 -15.77 5.77
CA ALA A 204 -19.22 -15.08 4.53
C ALA A 204 -19.40 -16.02 3.36
N VAL A 205 -19.44 -15.44 2.16
CA VAL A 205 -19.54 -16.19 0.92
C VAL A 205 -18.12 -16.25 0.37
N ASN A 206 -17.78 -17.40 -0.18
CA ASN A 206 -16.47 -17.62 -0.80
C ASN A 206 -16.53 -16.87 -2.15
N PRO A 207 -15.58 -15.95 -2.40
CA PRO A 207 -15.56 -15.17 -3.65
C PRO A 207 -15.25 -15.97 -4.92
N ASN A 208 -14.74 -17.20 -4.74
CA ASN A 208 -14.38 -18.07 -5.86
C ASN A 208 -15.42 -19.14 -6.18
N THR A 209 -15.94 -19.81 -5.15
CA THR A 209 -16.92 -20.88 -5.34
C THR A 209 -18.40 -20.49 -5.17
N GLY A 210 -18.64 -19.41 -4.43
CA GLY A 210 -20.01 -18.97 -4.17
C GLY A 210 -20.64 -19.68 -2.99
N GLU A 211 -19.88 -20.55 -2.33
CA GLU A 211 -20.34 -21.30 -1.15
C GLU A 211 -20.42 -20.42 0.09
N GLY A 212 -21.24 -20.85 1.06
CA GLY A 212 -21.42 -20.08 2.28
C GLY A 212 -22.59 -19.13 2.17
N GLN A 213 -22.83 -18.33 3.21
CA GLN A 213 -23.93 -17.38 3.24
C GLN A 213 -23.51 -16.02 3.78
N TYR A 214 -24.22 -14.98 3.35
CA TYR A 214 -23.96 -13.61 3.82
C TYR A 214 -24.68 -13.49 5.17
N ALA A 215 -24.17 -12.63 6.06
CA ALA A 215 -24.81 -12.38 7.35
C ALA A 215 -26.12 -11.66 7.03
N ASN A 216 -27.21 -12.17 7.60
CA ASN A 216 -28.53 -11.63 7.34
C ASN A 216 -29.17 -11.02 8.58
N VAL A 217 -29.25 -9.69 8.58
CA VAL A 217 -29.83 -8.95 9.69
C VAL A 217 -31.22 -8.43 9.31
N THR A 218 -32.22 -8.83 10.07
CA THR A 218 -33.58 -8.41 9.83
C THR A 218 -33.91 -7.15 10.64
N LEU A 219 -34.17 -6.07 9.91
CA LEU A 219 -34.54 -4.79 10.49
C LEU A 219 -36.06 -4.69 10.47
N THR A 220 -36.63 -4.18 11.55
CA THR A 220 -38.09 -4.00 11.67
C THR A 220 -38.32 -2.56 11.18
N PRO A 221 -39.19 -2.37 10.14
CA PRO A 221 -39.47 -1.03 9.59
C PRO A 221 -39.95 0.03 10.59
N GLY A 222 -39.36 1.21 10.50
CA GLY A 222 -39.71 2.33 11.35
C GLY A 222 -39.15 2.31 12.77
N LYS A 223 -38.28 1.35 13.05
CA LYS A 223 -37.69 1.23 14.39
C LYS A 223 -36.20 1.59 14.44
N ARG A 224 -35.74 1.95 15.63
CA ARG A 224 -34.34 2.32 15.85
C ARG A 224 -33.65 1.08 16.42
N HIS A 225 -32.63 0.62 15.71
CA HIS A 225 -31.88 -0.59 16.08
C HIS A 225 -30.47 -0.35 16.59
N ARG A 226 -30.12 -0.95 17.72
CA ARG A 226 -28.75 -0.81 18.24
C ARG A 226 -27.95 -1.98 17.70
N LEU A 227 -26.84 -1.67 17.02
CA LEU A 227 -25.97 -2.68 16.46
C LEU A 227 -24.60 -2.51 17.08
N ARG A 228 -24.09 -3.59 17.65
CA ARG A 228 -22.80 -3.61 18.33
C ARG A 228 -21.73 -4.21 17.44
N ILE A 229 -21.09 -3.33 16.67
CA ILE A 229 -20.05 -3.72 15.71
C ILE A 229 -18.69 -3.87 16.37
N LEU A 230 -18.06 -5.01 16.12
CA LEU A 230 -16.72 -5.30 16.66
C LEU A 230 -15.78 -5.70 15.56
N ASN A 231 -14.49 -5.42 15.77
CA ASN A 231 -13.45 -5.85 14.85
C ASN A 231 -12.61 -6.80 15.70
N THR A 232 -12.83 -8.09 15.49
CA THR A 232 -12.14 -9.14 16.23
C THR A 232 -10.99 -9.77 15.44
N SER A 233 -10.49 -9.01 14.47
CA SER A 233 -9.40 -9.43 13.58
C SER A 233 -8.04 -9.64 14.23
N THR A 234 -7.16 -10.25 13.46
CA THR A 234 -5.77 -10.46 13.87
C THR A 234 -4.94 -9.37 13.21
N GLU A 235 -5.40 -8.87 12.06
CA GLU A 235 -4.67 -7.81 11.32
C GLU A 235 -5.55 -6.78 10.62
N ASN A 236 -6.57 -7.25 9.90
CA ASN A 236 -7.45 -6.37 9.13
C ASN A 236 -8.18 -5.26 9.90
N HIS A 237 -8.09 -4.06 9.35
CA HIS A 237 -8.76 -2.87 9.89
C HIS A 237 -9.85 -2.56 8.89
N PHE A 238 -11.08 -2.44 9.38
CA PHE A 238 -12.23 -2.23 8.52
C PHE A 238 -12.91 -0.89 8.48
N GLN A 239 -13.54 -0.64 7.33
CA GLN A 239 -14.36 0.53 7.10
C GLN A 239 -15.72 -0.12 6.88
N VAL A 240 -16.73 0.32 7.62
CA VAL A 240 -18.06 -0.24 7.45
C VAL A 240 -19.08 0.81 7.06
N SER A 241 -20.05 0.41 6.25
CA SER A 241 -21.11 1.31 5.78
C SER A 241 -22.31 0.50 5.37
N LEU A 242 -23.49 1.11 5.50
CA LEU A 242 -24.73 0.49 5.10
C LEU A 242 -25.32 1.37 4.01
N VAL A 243 -25.62 0.76 2.85
CA VAL A 243 -26.20 1.46 1.70
C VAL A 243 -27.51 2.16 2.08
N ASN A 244 -27.55 3.46 1.76
CA ASN A 244 -28.69 4.37 2.01
C ASN A 244 -29.06 4.65 3.46
N HIS A 245 -28.16 4.29 4.38
CA HIS A 245 -28.40 4.51 5.80
C HIS A 245 -27.20 5.13 6.48
N THR A 246 -27.49 5.89 7.52
CA THR A 246 -26.46 6.50 8.33
C THR A 246 -26.38 5.64 9.59
N MET A 247 -25.30 5.80 10.34
CA MET A 247 -25.10 5.06 11.58
C MET A 247 -24.83 6.12 12.63
N THR A 248 -25.57 6.05 13.73
CA THR A 248 -25.37 7.01 14.81
C THR A 248 -24.64 6.33 15.95
N VAL A 249 -23.38 6.71 16.12
CA VAL A 249 -22.50 6.17 17.16
C VAL A 249 -22.94 6.62 18.55
N ILE A 250 -23.17 5.64 19.43
CA ILE A 250 -23.57 5.92 20.79
C ILE A 250 -22.52 5.44 21.80
N ALA A 251 -21.53 4.71 21.30
CA ALA A 251 -20.40 4.19 22.09
C ALA A 251 -19.18 3.87 21.23
N ALA A 252 -18.00 4.17 21.79
CA ALA A 252 -16.71 3.92 21.15
C ALA A 252 -16.05 2.96 22.12
N ASP A 253 -15.76 1.75 21.65
CA ASP A 253 -15.22 0.66 22.48
C ASP A 253 -16.23 0.41 23.59
N MET A 254 -15.82 0.50 24.86
CA MET A 254 -16.78 0.29 25.94
C MET A 254 -17.10 1.61 26.67
N VAL A 255 -16.98 2.71 25.92
CA VAL A 255 -17.25 4.03 26.46
C VAL A 255 -18.39 4.72 25.73
N PRO A 256 -19.50 5.03 26.45
CA PRO A 256 -20.67 5.70 25.88
C PRO A 256 -20.31 7.11 25.45
N VAL A 257 -20.66 7.46 24.21
CA VAL A 257 -20.37 8.77 23.66
C VAL A 257 -21.67 9.47 23.25
N ASN A 258 -21.61 10.79 23.10
CA ASN A 258 -22.77 11.58 22.65
C ASN A 258 -23.04 11.16 21.21
N ALA A 259 -24.32 11.13 20.83
CA ALA A 259 -24.76 10.76 19.49
C ALA A 259 -23.97 11.43 18.36
N MET A 260 -23.38 10.61 17.49
CA MET A 260 -22.59 11.11 16.37
C MET A 260 -22.96 10.36 15.09
N THR A 261 -23.72 11.03 14.25
CA THR A 261 -24.20 10.48 12.97
C THR A 261 -23.13 10.56 11.88
N VAL A 262 -22.82 9.40 11.30
CA VAL A 262 -21.82 9.25 10.23
C VAL A 262 -22.32 8.36 9.09
N ASP A 263 -21.63 8.43 7.95
CA ASP A 263 -21.96 7.64 6.76
C ASP A 263 -21.20 6.31 6.78
N SER A 264 -20.02 6.35 7.37
CA SER A 264 -19.14 5.20 7.49
C SER A 264 -18.27 5.28 8.73
N LEU A 265 -17.79 4.13 9.18
CA LEU A 265 -16.94 4.04 10.36
C LEU A 265 -15.69 3.21 10.16
N PHE A 266 -14.60 3.66 10.76
CA PHE A 266 -13.35 2.92 10.71
C PHE A 266 -13.21 2.18 12.04
N LEU A 267 -12.98 0.87 11.94
CA LEU A 267 -12.77 0.03 13.12
C LEU A 267 -11.40 -0.60 13.06
N ALA A 268 -10.52 -0.16 13.95
CA ALA A 268 -9.18 -0.74 14.07
C ALA A 268 -9.31 -2.11 14.70
N VAL A 269 -8.24 -2.90 14.70
CA VAL A 269 -8.26 -4.23 15.31
C VAL A 269 -8.53 -4.05 16.81
N GLY A 270 -9.58 -4.70 17.28
CA GLY A 270 -9.94 -4.62 18.68
C GLY A 270 -10.96 -3.55 19.02
N GLN A 271 -11.22 -2.64 18.07
CA GLN A 271 -12.19 -1.56 18.28
C GLN A 271 -13.62 -2.02 18.13
N ARG A 272 -14.51 -1.28 18.82
CA ARG A 272 -15.94 -1.53 18.79
C ARG A 272 -16.68 -0.21 18.66
N TYR A 273 -17.88 -0.29 18.10
CA TYR A 273 -18.77 0.85 17.94
C TYR A 273 -20.20 0.38 18.07
N ASP A 274 -20.91 0.97 19.03
CA ASP A 274 -22.32 0.67 19.22
C ASP A 274 -23.02 1.75 18.42
N VAL A 275 -23.78 1.34 17.41
CA VAL A 275 -24.48 2.29 16.57
C VAL A 275 -25.98 2.11 16.59
N VAL A 276 -26.69 3.18 16.25
CA VAL A 276 -28.15 3.15 16.16
C VAL A 276 -28.47 3.39 14.69
N ILE A 277 -29.14 2.40 14.11
CA ILE A 277 -29.56 2.43 12.71
C ILE A 277 -31.08 2.55 12.69
N ASP A 278 -31.58 3.60 12.06
CA ASP A 278 -33.01 3.84 11.93
C ASP A 278 -33.48 3.21 10.63
N ALA A 279 -34.47 2.32 10.75
CA ALA A 279 -35.04 1.65 9.58
C ALA A 279 -36.06 2.61 8.95
N SER A 280 -35.51 3.76 8.54
CA SER A 280 -36.24 4.88 7.95
C SER A 280 -36.44 4.86 6.44
N ARG A 281 -35.68 4.00 5.75
CA ARG A 281 -35.75 3.90 4.31
C ARG A 281 -36.82 2.93 3.79
N ALA A 282 -36.93 2.85 2.47
CA ALA A 282 -37.90 1.99 1.79
C ALA A 282 -37.61 0.50 2.02
N PRO A 283 -38.67 -0.32 2.26
CA PRO A 283 -38.51 -1.76 2.47
C PRO A 283 -37.79 -2.45 1.32
N ASP A 284 -36.56 -2.88 1.60
CA ASP A 284 -35.68 -3.52 0.62
C ASP A 284 -34.57 -4.25 1.37
N ASN A 285 -33.66 -4.85 0.60
CA ASN A 285 -32.49 -5.54 1.11
C ASN A 285 -31.33 -4.60 0.79
N TYR A 286 -30.54 -4.26 1.81
CA TYR A 286 -29.41 -3.35 1.63
C TYR A 286 -28.07 -3.97 2.02
N TRP A 287 -27.02 -3.66 1.26
CA TRP A 287 -25.68 -4.19 1.54
C TRP A 287 -24.99 -3.45 2.69
N PHE A 288 -24.41 -4.24 3.58
CA PHE A 288 -23.61 -3.71 4.68
C PHE A 288 -22.22 -4.01 4.14
N ASN A 289 -21.51 -2.95 3.77
CA ASN A 289 -20.19 -3.13 3.17
C ASN A 289 -18.97 -2.97 4.05
N VAL A 290 -18.07 -3.94 3.90
CA VAL A 290 -16.80 -3.93 4.60
C VAL A 290 -15.79 -3.57 3.52
N THR A 291 -15.18 -2.38 3.66
CA THR A 291 -14.19 -1.90 2.71
C THR A 291 -12.86 -1.57 3.39
N PHE A 292 -11.83 -1.36 2.58
CA PHE A 292 -10.50 -1.04 3.06
C PHE A 292 -10.01 0.28 2.48
N GLY A 293 -9.36 1.05 3.34
CA GLY A 293 -8.81 2.32 2.93
C GLY A 293 -7.37 2.34 3.37
N GLY A 294 -6.74 3.51 3.30
CA GLY A 294 -5.35 3.64 3.69
C GLY A 294 -4.38 2.97 2.75
N GLN A 295 -4.87 2.70 1.54
CA GLN A 295 -4.12 2.05 0.47
C GLN A 295 -3.39 0.77 0.93
N ALA A 296 -4.16 -0.12 1.56
CA ALA A 296 -3.70 -1.41 2.12
C ALA A 296 -2.64 -1.38 3.24
N ALA A 297 -2.44 -0.19 3.83
CA ALA A 297 -1.45 -0.02 4.90
C ALA A 297 -1.90 -0.69 6.20
N CYS A 298 -3.20 -0.92 6.33
CA CYS A 298 -3.73 -1.59 7.52
C CYS A 298 -4.64 -2.77 7.17
N GLY A 299 -4.27 -3.46 6.09
CA GLY A 299 -5.01 -4.64 5.66
C GLY A 299 -5.76 -4.61 4.35
N GLY A 300 -6.15 -5.81 3.95
CA GLY A 300 -6.91 -6.02 2.74
C GLY A 300 -7.41 -7.45 2.72
N SER A 301 -8.32 -7.77 1.80
CA SER A 301 -8.86 -9.11 1.67
C SER A 301 -8.85 -9.61 0.25
N LEU A 302 -8.76 -10.94 0.10
CA LEU A 302 -8.79 -11.60 -1.20
C LEU A 302 -10.24 -11.66 -1.69
N ASN A 303 -11.17 -11.38 -0.77
CA ASN A 303 -12.60 -11.26 -1.09
C ASN A 303 -12.65 -9.75 -1.35
N PRO A 304 -12.88 -9.34 -2.62
CA PRO A 304 -12.93 -7.92 -2.97
C PRO A 304 -14.10 -7.12 -2.41
N HIS A 305 -15.20 -7.80 -2.11
CA HIS A 305 -16.41 -7.14 -1.58
C HIS A 305 -17.07 -7.89 -0.42
N PRO A 306 -16.42 -7.95 0.76
CA PRO A 306 -17.01 -8.64 1.93
C PRO A 306 -18.26 -7.86 2.34
N ALA A 307 -19.37 -8.56 2.49
CA ALA A 307 -20.63 -7.91 2.83
C ALA A 307 -21.64 -8.76 3.57
N ALA A 308 -22.63 -8.07 4.13
CA ALA A 308 -23.73 -8.67 4.86
C ALA A 308 -25.00 -8.06 4.26
N ILE A 309 -26.14 -8.70 4.49
CA ILE A 309 -27.44 -8.23 3.99
C ILE A 309 -28.29 -7.71 5.14
N PHE A 310 -28.81 -6.49 4.98
CA PHE A 310 -29.72 -5.90 5.96
C PHE A 310 -31.09 -5.90 5.29
N HIS A 311 -31.88 -6.88 5.71
CA HIS A 311 -33.22 -7.12 5.22
C HIS A 311 -34.30 -6.44 6.05
N TYR A 312 -35.20 -5.72 5.40
CA TYR A 312 -36.33 -5.09 6.07
C TYR A 312 -37.41 -6.17 6.15
N ALA A 313 -38.02 -6.35 7.32
CA ALA A 313 -39.08 -7.34 7.52
C ALA A 313 -40.30 -7.02 6.66
N GLY A 314 -40.77 -8.03 5.92
CA GLY A 314 -41.93 -7.86 5.04
C GLY A 314 -41.55 -7.58 3.60
N ALA A 315 -40.29 -7.22 3.40
CA ALA A 315 -39.73 -6.93 2.07
C ALA A 315 -39.36 -8.26 1.41
N PRO A 316 -39.18 -8.29 0.06
CA PRO A 316 -38.82 -9.58 -0.55
C PRO A 316 -37.41 -10.08 -0.20
N GLY A 317 -37.18 -11.36 -0.45
CA GLY A 317 -35.88 -11.96 -0.18
C GLY A 317 -34.88 -11.71 -1.27
N GLY A 318 -33.84 -12.53 -1.31
CA GLY A 318 -32.80 -12.38 -2.33
C GLY A 318 -31.71 -11.40 -1.96
N LEU A 319 -30.78 -11.23 -2.90
CA LEU A 319 -29.64 -10.35 -2.74
C LEU A 319 -29.96 -8.89 -3.09
N PRO A 320 -29.33 -7.92 -2.37
CA PRO A 320 -29.55 -6.48 -2.62
C PRO A 320 -29.10 -6.12 -4.04
N THR A 321 -29.82 -5.20 -4.68
CA THR A 321 -29.53 -4.78 -6.05
C THR A 321 -28.68 -3.52 -6.19
N ASP A 322 -28.61 -2.73 -5.12
CA ASP A 322 -27.84 -1.48 -5.13
C ASP A 322 -26.45 -1.68 -4.52
N GLU A 323 -25.43 -1.61 -5.37
CA GLU A 323 -24.02 -1.77 -4.94
C GLU A 323 -23.54 -0.59 -4.10
N GLY A 324 -24.21 0.54 -4.26
CA GLY A 324 -23.88 1.75 -3.51
C GLY A 324 -22.63 2.46 -3.99
N THR A 325 -22.28 3.53 -3.29
CA THR A 325 -21.11 4.33 -3.59
C THR A 325 -20.02 3.98 -2.57
N PRO A 326 -18.74 3.93 -3.00
CA PRO A 326 -17.67 3.61 -2.05
C PRO A 326 -17.55 4.70 -0.97
N PRO A 327 -17.37 4.30 0.31
CA PRO A 327 -17.25 5.29 1.39
C PRO A 327 -15.95 6.06 1.33
N VAL A 328 -15.83 7.12 2.13
CA VAL A 328 -14.62 7.92 2.17
C VAL A 328 -13.46 7.08 2.71
N ASP A 329 -12.26 7.35 2.20
CA ASP A 329 -11.06 6.65 2.63
C ASP A 329 -10.70 7.20 4.02
N HIS A 330 -10.81 6.35 5.03
CA HIS A 330 -10.51 6.74 6.42
C HIS A 330 -9.02 6.79 6.74
N GLN A 331 -8.20 6.41 5.76
CA GLN A 331 -6.74 6.40 5.83
C GLN A 331 -6.11 5.73 7.06
N CYS A 332 -6.65 4.57 7.42
CA CYS A 332 -6.20 3.77 8.58
C CYS A 332 -6.20 4.54 9.90
N LEU A 333 -7.17 5.45 10.03
CA LEU A 333 -7.30 6.28 11.22
C LEU A 333 -8.71 6.26 11.76
N ASP A 334 -8.83 6.10 13.07
CA ASP A 334 -10.14 6.13 13.72
C ASP A 334 -10.51 7.58 13.95
N THR A 335 -11.79 7.86 14.13
CA THR A 335 -12.25 9.22 14.32
C THR A 335 -11.97 9.76 15.73
N LEU A 336 -11.50 11.01 15.79
CA LEU A 336 -11.24 11.66 17.06
C LEU A 336 -12.35 12.65 17.40
N ASP A 337 -13.48 12.51 16.70
CA ASP A 337 -14.65 13.37 16.89
C ASP A 337 -15.59 12.89 17.99
N VAL A 338 -15.42 11.64 18.46
CA VAL A 338 -16.26 11.09 19.53
C VAL A 338 -16.01 11.78 20.86
N ARG A 339 -17.11 12.11 21.56
CA ARG A 339 -17.04 12.80 22.84
C ARG A 339 -17.81 12.02 23.90
N PRO A 340 -17.10 11.40 24.88
CA PRO A 340 -17.76 10.64 25.94
C PRO A 340 -18.81 11.40 26.75
N VAL A 341 -19.89 10.71 27.13
CA VAL A 341 -20.99 11.28 27.92
C VAL A 341 -20.46 11.76 29.26
N VAL A 342 -19.75 10.88 29.97
CA VAL A 342 -19.14 11.21 31.26
C VAL A 342 -17.80 11.86 30.86
N PRO A 343 -17.62 13.17 31.13
CA PRO A 343 -16.38 13.86 30.76
C PRO A 343 -15.13 13.66 31.61
N ARG A 344 -13.99 13.97 31.00
CA ARG A 344 -12.67 13.93 31.62
C ARG A 344 -11.95 15.18 31.12
N SER A 345 -11.21 15.83 32.00
CA SER A 345 -10.47 17.05 31.65
C SER A 345 -9.04 16.92 32.14
N VAL A 346 -8.08 17.16 31.24
CA VAL A 346 -6.65 17.11 31.54
C VAL A 346 -5.87 18.26 30.91
N PRO A 347 -4.83 18.79 31.62
CA PRO A 347 -4.06 19.88 31.01
C PRO A 347 -3.12 19.31 29.93
N VAL A 348 -3.06 19.99 28.79
CA VAL A 348 -2.20 19.58 27.67
C VAL A 348 -1.07 20.56 27.39
N ASN A 349 -1.18 21.76 27.96
CA ASN A 349 -0.19 22.84 27.81
C ASN A 349 1.14 22.54 28.50
N SER A 350 1.06 21.75 29.57
CA SER A 350 2.22 21.38 30.39
C SER A 350 3.06 20.19 29.93
N PHE A 351 2.64 19.52 28.86
CA PHE A 351 3.37 18.36 28.33
C PHE A 351 4.74 18.71 27.73
N VAL A 352 5.75 17.95 28.19
CA VAL A 352 7.13 18.07 27.73
C VAL A 352 7.60 16.66 27.36
N LYS A 353 8.14 16.51 26.15
CA LYS A 353 8.68 15.24 25.66
C LYS A 353 9.99 14.92 26.39
N ARG A 354 9.99 13.81 27.12
CA ARG A 354 11.14 13.33 27.90
C ARG A 354 11.30 11.83 27.61
N PRO A 355 12.52 11.25 27.83
CA PRO A 355 12.68 9.80 27.57
C PRO A 355 11.75 8.92 28.40
N ASP A 356 11.42 9.36 29.62
CA ASP A 356 10.54 8.60 30.52
C ASP A 356 9.04 8.61 30.21
N ASN A 357 8.65 9.40 29.21
CA ASN A 357 7.25 9.47 28.78
C ASN A 357 7.09 9.18 27.28
N THR A 358 8.22 8.85 26.64
CA THR A 358 8.27 8.56 25.22
C THR A 358 8.49 7.07 24.94
N LEU A 359 7.68 6.55 24.03
CA LEU A 359 7.73 5.14 23.61
C LEU A 359 8.01 5.04 22.10
N PRO A 360 9.30 4.99 21.70
CA PRO A 360 9.67 4.89 20.28
C PRO A 360 9.48 3.47 19.74
N VAL A 361 8.58 3.35 18.76
CA VAL A 361 8.30 2.07 18.11
C VAL A 361 9.28 2.03 16.93
N ALA A 362 9.89 0.87 16.72
CA ALA A 362 10.85 0.72 15.63
C ALA A 362 10.90 -0.68 15.06
N LEU A 363 11.04 -0.76 13.74
CA LEU A 363 11.15 -2.03 13.05
C LEU A 363 12.64 -2.28 12.87
N ASP A 364 13.12 -3.35 13.50
CA ASP A 364 14.51 -3.75 13.43
C ASP A 364 14.66 -4.86 12.40
N LEU A 365 15.37 -4.55 11.32
CA LEU A 365 15.60 -5.48 10.22
C LEU A 365 16.99 -6.15 10.26
N THR A 366 17.80 -5.79 11.26
CA THR A 366 19.17 -6.30 11.39
C THR A 366 19.38 -7.70 11.98
N GLY A 367 18.42 -8.16 12.79
CA GLY A 367 18.55 -9.47 13.43
C GLY A 367 17.90 -10.65 12.75
N THR A 368 17.60 -11.66 13.56
CA THR A 368 16.95 -12.90 13.12
C THR A 368 15.78 -13.12 14.07
N PRO A 369 14.52 -13.14 13.55
CA PRO A 369 14.02 -12.97 12.17
C PRO A 369 14.08 -11.53 11.63
N LEU A 370 13.66 -11.34 10.39
CA LEU A 370 13.69 -10.01 9.75
C LEU A 370 12.75 -8.96 10.37
N PHE A 371 11.50 -9.35 10.57
CA PHE A 371 10.51 -8.44 11.14
C PHE A 371 10.41 -8.55 12.66
N VAL A 372 11.19 -7.70 13.33
CA VAL A 372 11.22 -7.66 14.79
C VAL A 372 10.84 -6.23 15.18
N TRP A 373 9.77 -6.12 15.94
CA TRP A 373 9.26 -4.83 16.40
C TRP A 373 9.75 -4.50 17.79
N LYS A 374 10.42 -3.35 17.92
CA LYS A 374 11.00 -2.92 19.17
C LYS A 374 10.42 -1.63 19.73
N VAL A 375 10.15 -1.62 21.03
CA VAL A 375 9.63 -0.43 21.71
C VAL A 375 10.70 -0.01 22.72
N ASN A 376 11.23 1.19 22.51
CA ASN A 376 12.29 1.80 23.33
C ASN A 376 13.56 0.94 23.29
N GLY A 377 13.83 0.37 22.12
CA GLY A 377 14.99 -0.46 21.88
C GLY A 377 14.87 -1.94 22.23
N SER A 378 13.67 -2.39 22.59
CA SER A 378 13.46 -3.79 22.96
C SER A 378 12.14 -4.41 22.52
N ASP A 379 12.24 -5.60 21.92
CA ASP A 379 11.08 -6.36 21.50
C ASP A 379 10.64 -7.17 22.70
N ILE A 380 9.37 -7.06 23.07
CA ILE A 380 8.85 -7.79 24.24
C ILE A 380 8.94 -9.30 24.04
N ASN A 381 9.27 -10.00 25.12
CA ASN A 381 9.37 -11.45 25.14
C ASN A 381 9.17 -11.80 26.60
N VAL A 382 7.97 -12.28 26.91
CA VAL A 382 7.61 -12.64 28.27
C VAL A 382 7.98 -14.08 28.60
N ASP A 383 8.00 -14.38 29.90
CA ASP A 383 8.30 -15.72 30.35
C ASP A 383 6.99 -16.32 30.85
N TRP A 384 6.45 -17.26 30.06
CA TRP A 384 5.22 -17.95 30.37
C TRP A 384 5.31 -18.66 31.73
N GLY A 385 6.52 -19.13 32.04
CA GLY A 385 6.81 -19.83 33.28
C GLY A 385 7.15 -18.93 34.46
N LYS A 386 7.44 -17.66 34.21
CA LYS A 386 7.74 -16.71 35.29
C LYS A 386 7.14 -15.33 34.97
N PRO A 387 5.82 -15.17 35.22
CA PRO A 387 5.09 -13.93 34.96
C PRO A 387 5.53 -12.79 35.87
N ILE A 388 5.24 -11.55 35.47
CA ILE A 388 5.58 -10.35 36.23
C ILE A 388 4.99 -10.38 37.64
N ILE A 389 3.81 -11.00 37.76
CA ILE A 389 3.14 -11.16 39.04
C ILE A 389 3.92 -12.06 40.00
N ASP A 390 4.75 -12.97 39.45
CA ASP A 390 5.58 -13.85 40.28
C ASP A 390 6.68 -13.03 40.93
N TYR A 391 7.21 -12.06 40.18
CA TYR A 391 8.25 -11.14 40.65
C TYR A 391 7.69 -10.28 41.79
N ILE A 392 6.42 -9.89 41.65
CA ILE A 392 5.72 -9.06 42.64
C ILE A 392 5.46 -9.83 43.94
N LEU A 393 5.02 -11.08 43.81
CA LEU A 393 4.73 -11.94 44.95
C LEU A 393 5.96 -12.42 45.73
N THR A 394 7.10 -12.47 45.05
CA THR A 394 8.36 -12.90 45.67
C THR A 394 9.25 -11.72 46.09
N GLY A 395 8.83 -10.50 45.71
CA GLY A 395 9.59 -9.29 46.03
C GLY A 395 10.85 -9.09 45.21
N ASN A 396 10.85 -9.67 44.02
CA ASN A 396 11.97 -9.60 43.08
C ASN A 396 11.72 -8.43 42.12
N THR A 397 12.64 -7.47 42.11
CA THR A 397 12.51 -6.30 41.23
C THR A 397 13.48 -6.33 40.04
N SER A 398 14.17 -7.46 39.86
CA SER A 398 15.13 -7.63 38.78
C SER A 398 14.42 -8.17 37.53
N TYR A 399 13.57 -7.32 36.95
CA TYR A 399 12.80 -7.66 35.75
C TYR A 399 13.72 -7.69 34.54
N PRO A 400 13.71 -8.80 33.77
CA PRO A 400 14.58 -8.84 32.58
C PRO A 400 14.16 -7.80 31.55
N VAL A 401 15.14 -7.33 30.78
CA VAL A 401 14.98 -6.31 29.74
C VAL A 401 13.83 -6.59 28.77
N SER A 402 13.69 -7.85 28.40
CA SER A 402 12.67 -8.31 27.46
C SER A 402 11.22 -8.20 27.92
N ASP A 403 11.01 -7.95 29.20
CA ASP A 403 9.66 -7.80 29.74
C ASP A 403 9.12 -6.39 29.50
N ASN A 404 9.99 -5.50 29.02
CA ASN A 404 9.69 -4.10 28.70
C ASN A 404 8.87 -3.37 29.77
N ILE A 405 9.31 -3.53 31.01
CA ILE A 405 8.65 -2.93 32.16
C ILE A 405 8.83 -1.41 32.20
N VAL A 406 7.70 -0.72 32.20
CA VAL A 406 7.68 0.74 32.32
C VAL A 406 6.96 0.93 33.65
N GLN A 407 7.76 1.12 34.70
CA GLN A 407 7.23 1.30 36.05
C GLN A 407 6.65 2.69 36.28
N VAL A 408 5.36 2.72 36.63
CA VAL A 408 4.63 3.96 36.89
C VAL A 408 4.21 3.98 38.37
N ASP A 409 4.95 4.73 39.18
CA ASP A 409 4.71 4.82 40.62
C ASP A 409 3.64 5.83 41.06
N ALA A 410 3.33 6.79 40.18
CA ALA A 410 2.33 7.84 40.45
C ALA A 410 0.98 7.27 40.92
N VAL A 411 0.46 7.82 42.01
CA VAL A 411 -0.81 7.36 42.59
C VAL A 411 -1.99 8.20 42.17
N ASP A 412 -2.91 7.57 41.41
CA ASP A 412 -4.14 8.19 40.89
C ASP A 412 -3.92 9.52 40.17
N GLN A 413 -2.82 9.58 39.41
CA GLN A 413 -2.46 10.77 38.66
C GLN A 413 -2.47 10.47 37.17
N TRP A 414 -2.67 11.52 36.37
CA TRP A 414 -2.67 11.41 34.92
C TRP A 414 -1.24 11.33 34.42
N THR A 415 -0.96 10.26 33.67
CA THR A 415 0.36 10.04 33.10
C THR A 415 0.25 10.18 31.60
N TYR A 416 1.20 10.91 31.01
CA TYR A 416 1.22 11.20 29.58
C TYR A 416 2.23 10.37 28.82
N TRP A 417 1.81 9.81 27.69
CA TRP A 417 2.65 8.92 26.88
C TRP A 417 2.68 9.25 25.40
N LEU A 418 3.88 9.59 24.92
CA LEU A 418 4.08 9.90 23.52
C LEU A 418 4.63 8.67 22.82
N ILE A 419 3.83 8.14 21.88
CA ILE A 419 4.24 6.96 21.12
C ILE A 419 4.64 7.45 19.74
N GLU A 420 5.88 7.18 19.36
CA GLU A 420 6.44 7.60 18.07
C GLU A 420 6.51 6.41 17.13
N ASN A 421 6.00 6.57 15.92
CA ASN A 421 5.96 5.48 14.93
C ASN A 421 7.11 5.43 13.93
N ASP A 422 8.27 4.92 14.38
CA ASP A 422 9.49 4.76 13.56
C ASP A 422 9.69 5.93 12.56
N PRO A 423 9.77 7.19 13.07
CA PRO A 423 9.93 8.39 12.23
C PRO A 423 11.15 8.42 11.32
N GLU A 424 12.26 7.88 11.83
CA GLU A 424 13.53 7.84 11.10
C GLU A 424 13.76 6.51 10.40
N GLY A 425 12.75 5.63 10.46
CA GLY A 425 12.85 4.31 9.84
C GLY A 425 12.60 4.29 8.35
N PRO A 426 12.98 3.19 7.63
CA PRO A 426 12.80 3.04 6.19
C PRO A 426 11.34 3.14 5.72
N PHE A 427 10.45 2.49 6.46
CA PHE A 427 9.02 2.54 6.19
C PHE A 427 8.26 2.36 7.48
N SER A 428 7.08 2.97 7.55
CA SER A 428 6.25 2.88 8.73
C SER A 428 4.83 2.51 8.39
N LEU A 429 4.25 1.70 9.26
CA LEU A 429 2.90 1.18 9.11
C LEU A 429 2.02 1.67 10.25
N PRO A 430 0.68 1.79 10.03
CA PRO A 430 -0.21 2.23 11.10
C PRO A 430 -0.32 1.11 12.15
N HIS A 431 -0.47 1.46 13.42
CA HIS A 431 -0.57 0.48 14.50
C HIS A 431 -1.73 0.72 15.45
N PRO A 432 -2.63 -0.28 15.61
CA PRO A 432 -3.77 -0.14 16.52
C PRO A 432 -3.28 -0.39 17.96
N MET A 433 -2.97 0.70 18.65
CA MET A 433 -2.46 0.61 20.03
C MET A 433 -3.56 0.37 21.04
N HIS A 434 -3.40 -0.69 21.81
CA HIS A 434 -4.35 -1.09 22.84
C HIS A 434 -3.73 -1.13 24.22
N LEU A 435 -4.49 -0.69 25.22
CA LEU A 435 -4.04 -0.68 26.61
C LEU A 435 -4.93 -1.54 27.50
N HIS A 436 -4.31 -2.39 28.29
CA HIS A 436 -5.01 -3.25 29.22
C HIS A 436 -5.28 -2.47 30.51
N GLY A 437 -6.37 -2.84 31.18
CA GLY A 437 -6.74 -2.23 32.45
C GLY A 437 -7.28 -0.84 32.57
N HIS A 438 -7.20 -0.06 31.49
CA HIS A 438 -7.69 1.32 31.49
C HIS A 438 -8.20 1.70 30.12
N ASP A 439 -8.92 2.82 30.12
CA ASP A 439 -9.35 3.47 28.89
C ASP A 439 -8.41 4.67 28.93
N PHE A 440 -7.81 5.00 27.79
CA PHE A 440 -6.94 6.16 27.74
C PHE A 440 -7.63 7.33 27.06
N LEU A 441 -7.08 8.51 27.24
CA LEU A 441 -7.59 9.71 26.57
C LEU A 441 -6.70 9.91 25.36
N VAL A 442 -7.30 10.12 24.19
CA VAL A 442 -6.54 10.37 22.97
C VAL A 442 -6.40 11.88 22.87
N LEU A 443 -5.27 12.37 23.36
CA LEU A 443 -4.98 13.81 23.39
C LEU A 443 -4.67 14.42 22.04
N GLY A 444 -4.11 13.61 21.16
CA GLY A 444 -3.80 14.09 19.83
C GLY A 444 -2.89 13.14 19.10
N ARG A 445 -2.72 13.42 17.82
CA ARG A 445 -1.87 12.62 16.95
C ARG A 445 -1.31 13.52 15.86
N SER A 446 -0.36 13.00 15.11
CA SER A 446 0.27 13.71 14.01
C SER A 446 -0.79 14.02 12.93
N PRO A 447 -0.58 15.06 12.08
CA PRO A 447 -1.57 15.40 11.04
C PRO A 447 -2.07 14.22 10.21
N ASP A 448 -3.39 14.20 10.00
CA ASP A 448 -4.06 13.14 9.21
C ASP A 448 -3.65 13.29 7.74
N VAL A 449 -2.81 12.37 7.30
CA VAL A 449 -2.27 12.33 5.92
C VAL A 449 -2.51 10.92 5.35
N PRO A 450 -2.35 10.72 4.01
CA PRO A 450 -2.55 9.35 3.49
C PRO A 450 -1.62 8.33 4.14
N ALA A 451 -2.22 7.25 4.66
CA ALA A 451 -1.51 6.19 5.37
C ALA A 451 -0.30 5.56 4.67
N ALA A 452 -0.35 5.52 3.35
CA ALA A 452 0.75 4.96 2.56
C ALA A 452 1.70 6.01 1.99
N SER A 453 1.49 7.29 2.34
CA SER A 453 2.32 8.39 1.85
C SER A 453 3.78 8.40 2.29
N GLN A 454 4.04 7.76 3.42
CA GLN A 454 5.35 7.68 4.06
C GLN A 454 5.84 9.04 4.57
N GLN A 455 4.89 9.95 4.81
CA GLN A 455 5.15 11.29 5.34
C GLN A 455 5.42 11.12 6.84
N ARG A 456 6.54 11.68 7.28
CA ARG A 456 6.98 11.57 8.67
C ARG A 456 6.73 12.82 9.51
N PHE A 457 6.40 12.59 10.79
CA PHE A 457 6.16 13.67 11.74
C PHE A 457 6.78 13.34 13.09
N VAL A 458 7.55 14.29 13.63
CA VAL A 458 8.16 14.16 14.94
C VAL A 458 7.49 15.26 15.75
N PHE A 459 7.14 14.96 16.99
CA PHE A 459 6.47 15.90 17.90
C PHE A 459 7.29 17.19 18.05
N ASP A 460 6.68 18.28 17.59
CA ASP A 460 7.27 19.61 17.63
C ASP A 460 6.32 20.44 18.51
N PRO A 461 6.74 20.79 19.75
CA PRO A 461 5.95 21.58 20.70
C PRO A 461 5.40 22.92 20.18
N ALA A 462 6.15 23.54 19.26
CA ALA A 462 5.80 24.83 18.65
C ALA A 462 4.54 24.86 17.78
N VAL A 463 4.19 23.70 17.19
CA VAL A 463 2.99 23.59 16.36
C VAL A 463 2.01 22.54 16.85
N ASP A 464 2.53 21.55 17.60
CA ASP A 464 1.72 20.45 18.09
C ASP A 464 1.00 20.57 19.43
N LEU A 465 1.48 21.41 20.33
CA LEU A 465 0.82 21.61 21.63
C LEU A 465 -0.57 22.22 21.48
N ALA A 466 -0.73 23.04 20.45
CA ALA A 466 -1.99 23.71 20.12
C ALA A 466 -2.98 22.77 19.43
N ARG A 467 -2.46 21.65 18.93
CA ARG A 467 -3.26 20.63 18.24
C ARG A 467 -3.84 19.59 19.21
N LEU A 468 -3.36 19.59 20.44
CA LEU A 468 -3.83 18.65 21.46
C LEU A 468 -5.14 19.09 22.11
N ASN A 469 -5.96 18.10 22.48
CA ASN A 469 -7.25 18.34 23.11
C ASN A 469 -7.31 17.62 24.46
N GLY A 470 -7.54 18.42 25.51
CA GLY A 470 -7.66 17.90 26.85
C GLY A 470 -9.05 18.12 27.42
N ASP A 471 -9.92 18.74 26.63
CA ASP A 471 -11.32 19.03 27.00
C ASP A 471 -12.19 17.91 26.46
N ASN A 472 -12.40 16.89 27.30
CA ASN A 472 -13.18 15.67 27.00
C ASN A 472 -12.81 15.00 25.66
N PRO A 473 -11.53 14.61 25.49
CA PRO A 473 -11.07 13.96 24.25
C PRO A 473 -11.60 12.52 24.16
N PRO A 474 -11.40 11.83 23.01
CA PRO A 474 -11.87 10.44 22.90
C PRO A 474 -11.27 9.56 23.99
N ARG A 475 -12.14 8.84 24.69
CA ARG A 475 -11.73 7.94 25.75
C ARG A 475 -12.13 6.54 25.31
N ARG A 476 -11.13 5.69 25.15
CA ARG A 476 -11.33 4.31 24.70
C ARG A 476 -10.11 3.44 25.02
N ASP A 477 -10.18 2.16 24.67
CA ASP A 477 -9.07 1.24 24.94
C ASP A 477 -8.15 0.97 23.74
N THR A 478 -8.59 1.33 22.54
CA THR A 478 -7.81 1.14 21.32
C THR A 478 -7.91 2.36 20.38
N THR A 479 -6.77 2.79 19.85
CA THR A 479 -6.72 3.90 18.90
C THR A 479 -5.53 3.72 17.97
N MET A 480 -5.57 4.41 16.83
CA MET A 480 -4.51 4.31 15.84
C MET A 480 -3.29 5.20 16.03
N LEU A 481 -2.13 4.56 15.85
CA LEU A 481 -0.85 5.25 15.89
C LEU A 481 -0.62 5.46 14.38
N PRO A 482 -0.65 6.73 13.91
CA PRO A 482 -0.46 7.04 12.48
C PRO A 482 0.89 6.57 11.93
N ALA A 483 0.87 6.15 10.66
CA ALA A 483 2.08 5.70 9.98
C ALA A 483 3.06 6.87 9.89
N GLY A 484 4.29 6.64 10.38
CA GLY A 484 5.34 7.63 10.35
C GLY A 484 5.20 8.81 11.29
N GLY A 485 4.12 8.83 12.07
CA GLY A 485 3.88 9.94 12.97
C GLY A 485 4.03 9.66 14.45
N TRP A 486 3.11 10.22 15.21
CA TRP A 486 3.10 10.07 16.65
C TRP A 486 1.68 10.05 17.21
N LEU A 487 1.58 9.74 18.50
CA LEU A 487 0.29 9.67 19.20
C LEU A 487 0.53 10.01 20.67
N LEU A 488 -0.30 10.90 21.21
CA LEU A 488 -0.19 11.29 22.61
C LEU A 488 -1.41 10.80 23.39
N LEU A 489 -1.16 9.90 24.34
CA LEU A 489 -2.19 9.32 25.19
C LEU A 489 -2.00 9.66 26.65
N ALA A 490 -3.08 9.52 27.42
CA ALA A 490 -3.04 9.76 28.85
C ALA A 490 -3.97 8.82 29.56
N PHE A 491 -3.53 8.28 30.68
CA PHE A 491 -4.36 7.41 31.51
C PHE A 491 -4.07 7.70 32.98
N ARG A 492 -5.12 7.63 33.80
CA ARG A 492 -5.01 7.88 35.23
C ARG A 492 -4.63 6.59 35.91
N THR A 493 -3.62 6.67 36.78
CA THR A 493 -3.11 5.52 37.50
C THR A 493 -3.98 5.06 38.67
N ASP A 494 -5.21 4.66 38.34
CA ASP A 494 -6.23 4.23 39.31
C ASP A 494 -6.37 2.71 39.46
N ASN A 495 -5.46 1.96 38.86
CA ASN A 495 -5.58 0.51 38.87
C ASN A 495 -4.22 -0.20 38.96
N PRO A 496 -3.73 -0.47 40.19
CA PRO A 496 -2.43 -1.14 40.39
C PRO A 496 -2.38 -2.51 39.71
N GLY A 497 -1.34 -2.70 38.89
CA GLY A 497 -1.18 -3.94 38.17
C GLY A 497 -0.18 -3.89 37.06
N ALA A 498 0.06 -5.04 36.44
CA ALA A 498 0.99 -5.15 35.31
C ALA A 498 0.08 -5.14 34.08
N TRP A 499 0.14 -4.04 33.34
CA TRP A 499 -0.71 -3.84 32.16
C TRP A 499 -0.01 -3.71 30.82
N LEU A 500 -0.37 -4.60 29.90
CA LEU A 500 0.19 -4.56 28.56
C LEU A 500 -0.37 -3.42 27.73
N PHE A 501 0.53 -2.80 26.98
CA PHE A 501 0.19 -1.72 26.07
C PHE A 501 0.86 -2.19 24.81
N HIS A 502 0.04 -2.63 23.86
CA HIS A 502 0.53 -3.21 22.63
C HIS A 502 -0.25 -2.92 21.38
N CYS A 503 0.36 -3.23 20.25
CA CYS A 503 -0.29 -3.12 18.95
C CYS A 503 -1.15 -4.39 18.90
N HIS A 504 -2.40 -4.25 18.48
CA HIS A 504 -3.29 -5.40 18.42
C HIS A 504 -3.18 -6.25 17.16
N ILE A 505 -2.28 -5.87 16.25
CA ILE A 505 -2.05 -6.70 15.06
C ILE A 505 -1.24 -7.86 15.64
N ALA A 506 -1.83 -9.05 15.58
CA ALA A 506 -1.24 -10.27 16.12
C ALA A 506 0.21 -10.50 15.73
N TRP A 507 0.52 -10.26 14.46
CA TRP A 507 1.86 -10.42 13.91
C TRP A 507 2.88 -9.46 14.52
N HIS A 508 2.41 -8.27 14.88
CA HIS A 508 3.27 -7.24 15.49
C HIS A 508 3.54 -7.48 16.97
N VAL A 509 2.51 -7.88 17.72
CA VAL A 509 2.69 -8.15 19.16
C VAL A 509 3.49 -9.45 19.35
N SER A 510 3.33 -10.37 18.39
CA SER A 510 4.09 -11.62 18.36
C SER A 510 5.54 -11.24 18.08
N GLY A 511 5.70 -10.24 17.20
CA GLY A 511 7.00 -9.72 16.81
C GLY A 511 7.67 -8.84 17.86
N GLY A 512 6.96 -8.59 18.96
CA GLY A 512 7.50 -7.81 20.06
C GLY A 512 6.98 -6.42 20.35
N LEU A 513 6.01 -5.93 19.57
CA LEU A 513 5.48 -4.58 19.76
C LEU A 513 4.57 -4.46 20.98
N SER A 514 5.20 -4.23 22.12
CA SER A 514 4.51 -4.07 23.40
C SER A 514 5.43 -3.62 24.51
N VAL A 515 4.81 -3.01 25.52
CA VAL A 515 5.47 -2.63 26.74
C VAL A 515 4.54 -3.14 27.83
N ASP A 516 5.03 -3.13 29.06
CA ASP A 516 4.24 -3.58 30.18
C ASP A 516 4.29 -2.48 31.23
N PHE A 517 3.16 -1.81 31.42
CA PHE A 517 3.04 -0.75 32.41
C PHE A 517 2.88 -1.38 33.78
N LEU A 518 3.96 -1.38 34.57
CA LEU A 518 3.89 -1.90 35.92
C LEU A 518 3.43 -0.72 36.77
N GLU A 519 2.12 -0.66 36.94
CA GLU A 519 1.46 0.41 37.66
C GLU A 519 1.37 0.16 39.15
N ARG A 520 1.94 1.10 39.91
CA ARG A 520 1.96 1.10 41.38
C ARG A 520 2.25 -0.30 41.98
N PRO A 521 3.45 -0.87 41.70
CA PRO A 521 3.82 -2.20 42.21
C PRO A 521 3.68 -2.44 43.71
N ALA A 522 3.95 -1.40 44.50
CA ALA A 522 3.87 -1.46 45.97
C ALA A 522 2.43 -1.67 46.44
N ASP A 523 1.49 -1.05 45.73
CA ASP A 523 0.06 -1.15 46.04
C ASP A 523 -0.53 -2.46 45.54
N LEU A 524 0.02 -2.99 44.44
CA LEU A 524 -0.42 -4.24 43.82
C LEU A 524 -0.27 -5.46 44.72
N ARG A 525 0.86 -5.58 45.41
CA ARG A 525 1.13 -6.72 46.29
C ARG A 525 0.13 -6.81 47.46
N GLN A 526 -0.27 -5.64 47.98
CA GLN A 526 -1.23 -5.53 49.09
C GLN A 526 -2.65 -5.93 48.66
N ARG A 527 -2.98 -5.67 47.39
CA ARG A 527 -4.29 -5.95 46.84
C ARG A 527 -4.55 -7.35 46.28
N ILE A 528 -3.49 -8.16 46.20
CA ILE A 528 -3.62 -9.53 45.70
C ILE A 528 -4.14 -10.43 46.84
N SER A 529 -5.35 -10.96 46.63
CA SER A 529 -6.01 -11.85 47.59
C SER A 529 -5.30 -13.20 47.68
N GLN A 530 -5.49 -13.90 48.80
CA GLN A 530 -4.88 -15.21 49.02
C GLN A 530 -5.36 -16.24 48.00
N GLU A 531 -6.64 -16.14 47.59
CA GLU A 531 -7.25 -17.04 46.61
C GLU A 531 -6.61 -16.82 45.24
N ASP A 532 -6.36 -15.56 44.88
CA ASP A 532 -5.74 -15.20 43.61
C ASP A 532 -4.27 -15.61 43.58
N GLU A 533 -3.59 -15.44 44.70
CA GLU A 533 -2.18 -15.81 44.85
C GLU A 533 -1.99 -17.34 44.77
N ASP A 534 -2.81 -18.08 45.52
CA ASP A 534 -2.77 -19.55 45.54
C ASP A 534 -3.07 -20.17 44.19
N ASP A 535 -4.07 -19.60 43.50
CA ASP A 535 -4.47 -20.11 42.19
C ASP A 535 -3.45 -19.77 41.09
N PHE A 536 -2.83 -18.60 41.20
CA PHE A 536 -1.79 -18.14 40.28
C PHE A 536 -0.64 -19.16 40.36
N ASN A 537 -0.26 -19.48 41.60
CA ASN A 537 0.80 -20.43 41.90
C ASN A 537 0.47 -21.85 41.46
N ARG A 538 -0.80 -22.25 41.63
CA ARG A 538 -1.27 -23.58 41.21
C ARG A 538 -1.12 -23.74 39.69
N VAL A 539 -1.66 -22.78 38.93
CA VAL A 539 -1.60 -22.80 37.46
C VAL A 539 -0.16 -22.74 36.98
N CYS A 540 0.65 -21.93 37.66
CA CYS A 540 2.08 -21.79 37.32
C CYS A 540 2.88 -23.08 37.58
N ASP A 541 2.53 -23.79 38.65
CA ASP A 541 3.20 -25.05 38.99
C ASP A 541 2.81 -26.13 37.97
N GLU A 542 1.53 -26.10 37.56
CA GLU A 542 1.00 -27.05 36.58
C GLU A 542 1.58 -26.77 35.19
N TRP A 543 1.76 -25.48 34.87
CA TRP A 543 2.33 -25.07 33.60
C TRP A 543 3.82 -25.42 33.51
N ARG A 544 4.56 -25.14 34.58
CA ARG A 544 5.99 -25.43 34.64
C ARG A 544 6.28 -26.92 34.58
N ALA A 545 5.36 -27.74 35.11
CA ALA A 545 5.49 -29.20 35.09
C ALA A 545 5.18 -29.68 33.67
N TYR A 546 4.25 -29.01 33.00
CA TYR A 546 3.88 -29.36 31.64
C TYR A 546 4.92 -28.97 30.59
N TRP A 547 5.39 -27.72 30.62
CA TRP A 547 6.32 -27.20 29.60
C TRP A 547 7.47 -28.07 29.05
N PRO A 548 8.28 -28.77 29.90
CA PRO A 548 9.35 -29.60 29.32
C PRO A 548 8.87 -30.73 28.40
N THR A 549 7.61 -31.12 28.52
CA THR A 549 7.02 -32.19 27.70
C THR A 549 6.46 -31.70 26.36
N ASN A 550 6.36 -30.37 26.19
CA ASN A 550 5.84 -29.76 24.96
C ASN A 550 6.84 -30.00 23.81
N PRO A 551 6.37 -30.60 22.69
CA PRO A 551 7.22 -30.87 21.53
C PRO A 551 7.53 -29.68 20.62
N TYR A 552 6.90 -28.54 20.91
CA TYR A 552 7.07 -27.32 20.11
C TYR A 552 7.70 -26.17 20.90
N PRO A 553 8.60 -25.39 20.24
CA PRO A 553 9.22 -24.27 20.95
C PRO A 553 8.35 -22.99 20.85
N LYS A 554 8.67 -22.00 21.69
CA LYS A 554 8.01 -20.71 21.69
C LYS A 554 8.76 -19.93 20.59
N ILE A 555 8.07 -19.65 19.48
CA ILE A 555 8.64 -18.96 18.34
C ILE A 555 8.52 -17.43 18.33
N ASP A 556 7.74 -16.88 19.25
CA ASP A 556 7.54 -15.44 19.31
C ASP A 556 7.62 -14.82 20.70
N SER A 557 7.01 -13.64 20.88
CA SER A 557 6.99 -12.93 22.16
C SER A 557 6.20 -13.67 23.23
N GLY A 558 5.21 -14.43 22.78
CA GLY A 558 4.36 -15.18 23.68
C GLY A 558 3.05 -14.45 23.96
N LEU A 559 2.92 -13.26 23.38
CA LEU A 559 1.73 -12.42 23.53
C LEU A 559 0.95 -12.24 22.22
N GLU B 1 6.76 12.87 -45.49
CA GLU B 1 5.68 13.78 -45.96
C GLU B 1 4.48 12.96 -46.50
N PRO B 2 3.26 13.21 -45.97
CA PRO B 2 2.04 12.49 -46.40
C PRO B 2 1.44 12.97 -47.73
N THR B 3 0.78 12.04 -48.44
CA THR B 3 0.12 12.34 -49.71
C THR B 3 -1.36 11.91 -49.72
N CYS B 4 -1.73 11.02 -48.79
CA CYS B 4 -3.10 10.51 -48.70
C CYS B 4 -3.70 10.38 -47.29
N ASN B 5 -3.04 10.96 -46.29
CA ASN B 5 -3.52 10.94 -44.91
C ASN B 5 -4.54 12.05 -44.69
N THR B 6 -5.82 11.66 -44.71
CA THR B 6 -6.96 12.56 -44.56
C THR B 6 -7.78 12.16 -43.32
N PRO B 7 -8.67 13.05 -42.79
CA PRO B 7 -9.47 12.67 -41.61
C PRO B 7 -10.30 11.39 -41.74
N SER B 8 -10.78 11.11 -42.95
CA SER B 8 -11.58 9.91 -43.24
C SER B 8 -10.73 8.68 -43.59
N ASN B 9 -9.49 8.92 -44.00
CA ASN B 9 -8.58 7.83 -44.35
C ASN B 9 -7.22 8.08 -43.68
N ARG B 10 -7.16 7.76 -42.39
CA ARG B 10 -5.93 7.91 -41.62
C ARG B 10 -5.03 6.69 -41.78
N ALA B 11 -5.58 5.63 -42.37
CA ALA B 11 -4.88 4.38 -42.62
C ALA B 11 -3.81 4.55 -43.71
N CYS B 12 -4.06 5.48 -44.63
CA CYS B 12 -3.16 5.79 -45.74
C CYS B 12 -2.11 6.82 -45.32
N TRP B 13 -0.92 6.74 -45.93
CA TRP B 13 0.15 7.70 -45.65
C TRP B 13 0.77 8.21 -46.95
N SER B 14 1.43 7.31 -47.68
CA SER B 14 2.05 7.62 -48.98
C SER B 14 2.12 6.35 -49.81
N ASP B 15 2.63 6.45 -51.04
CA ASP B 15 2.75 5.31 -51.95
C ASP B 15 3.66 4.21 -51.40
N GLY B 16 3.04 3.08 -51.06
CA GLY B 16 3.76 1.94 -50.51
C GLY B 16 3.84 1.92 -49.00
N PHE B 17 3.31 2.98 -48.37
CA PHE B 17 3.34 3.12 -46.93
C PHE B 17 1.99 3.43 -46.31
N ASP B 18 1.51 2.48 -45.51
CA ASP B 18 0.23 2.62 -44.81
C ASP B 18 0.31 1.98 -43.42
N ILE B 19 -0.84 1.85 -42.76
CA ILE B 19 -0.94 1.27 -41.42
C ILE B 19 -0.56 -0.22 -41.36
N ASN B 20 -0.71 -0.90 -42.49
CA ASN B 20 -0.43 -2.33 -42.60
C ASN B 20 1.00 -2.68 -42.98
N THR B 21 1.78 -1.65 -43.35
CA THR B 21 3.19 -1.81 -43.72
C THR B 21 3.98 -2.19 -42.47
N ASP B 22 4.92 -3.11 -42.62
CA ASP B 22 5.77 -3.53 -41.51
C ASP B 22 6.86 -2.45 -41.37
N TYR B 23 6.60 -1.51 -40.46
CA TYR B 23 7.49 -0.38 -40.17
C TYR B 23 8.87 -0.75 -39.61
N GLU B 24 8.97 -1.94 -39.02
CA GLU B 24 10.23 -2.43 -38.45
C GLU B 24 11.26 -2.81 -39.50
N VAL B 25 10.80 -2.99 -40.74
CA VAL B 25 11.69 -3.35 -41.86
C VAL B 25 11.59 -2.43 -43.09
N SER B 26 10.50 -1.66 -43.19
CA SER B 26 10.28 -0.75 -44.31
C SER B 26 10.08 0.68 -43.80
N THR B 27 10.85 1.61 -44.37
CA THR B 27 10.83 3.02 -43.95
C THR B 27 10.83 3.99 -45.15
N PRO B 28 10.00 5.07 -45.11
CA PRO B 28 9.95 6.05 -46.22
C PRO B 28 11.25 6.83 -46.34
N ASP B 29 11.69 7.06 -47.56
CA ASP B 29 12.90 7.82 -47.83
C ASP B 29 12.43 9.24 -48.18
N THR B 30 12.24 10.05 -47.14
CA THR B 30 11.78 11.43 -47.31
C THR B 30 12.92 12.40 -47.63
N GLY B 31 14.11 12.08 -47.10
CA GLY B 31 15.29 12.91 -47.30
C GLY B 31 15.27 14.19 -46.47
N VAL B 32 14.27 14.30 -45.59
CA VAL B 32 14.09 15.47 -44.73
C VAL B 32 14.68 15.24 -43.34
N THR B 33 15.26 16.29 -42.79
CA THR B 33 15.86 16.29 -41.47
C THR B 33 15.25 17.40 -40.63
N GLN B 34 14.76 17.03 -39.44
CA GLN B 34 14.20 18.00 -38.50
C GLN B 34 15.23 18.17 -37.40
N SER B 35 15.82 19.36 -37.36
CA SER B 35 16.87 19.70 -36.40
C SER B 35 16.40 20.52 -35.20
N TYR B 36 17.04 20.25 -34.06
CA TYR B 36 16.76 20.92 -32.78
C TYR B 36 18.06 21.13 -32.02
N VAL B 37 18.07 22.10 -31.11
CA VAL B 37 19.22 22.38 -30.25
C VAL B 37 18.71 22.41 -28.81
N PHE B 38 19.30 21.55 -27.99
CA PHE B 38 18.94 21.44 -26.58
C PHE B 38 20.00 22.10 -25.71
N ASN B 39 19.63 23.20 -25.06
CA ASN B 39 20.53 23.91 -24.17
C ASN B 39 20.08 23.58 -22.75
N LEU B 40 20.87 22.75 -22.07
CA LEU B 40 20.57 22.35 -20.70
C LEU B 40 21.14 23.38 -19.73
N THR B 41 20.27 24.00 -18.92
CA THR B 41 20.72 24.99 -17.95
C THR B 41 20.29 24.57 -16.55
N GLU B 42 21.07 25.00 -15.56
CA GLU B 42 20.79 24.70 -14.15
C GLU B 42 20.21 25.96 -13.53
N VAL B 43 18.93 25.90 -13.19
CA VAL B 43 18.22 27.04 -12.60
C VAL B 43 17.89 26.79 -11.13
N ASP B 44 18.36 27.69 -10.28
CA ASP B 44 18.12 27.62 -8.84
C ASP B 44 16.93 28.51 -8.50
N ASN B 45 16.19 28.11 -7.46
CA ASN B 45 15.00 28.82 -6.97
C ASN B 45 14.00 29.20 -8.08
N TRP B 46 13.63 28.17 -8.83
CA TRP B 46 12.72 28.28 -9.97
C TRP B 46 11.26 28.15 -9.58
N MET B 47 10.46 29.10 -10.06
CA MET B 47 9.02 29.15 -9.81
C MET B 47 8.32 28.10 -10.67
N GLY B 48 7.76 27.09 -9.99
CA GLY B 48 7.04 26.03 -10.65
C GLY B 48 5.62 26.37 -11.05
N PRO B 49 4.94 25.54 -11.86
CA PRO B 49 3.56 25.76 -12.30
C PRO B 49 2.46 25.74 -11.24
N ASP B 50 2.75 25.16 -10.07
CA ASP B 50 1.77 25.13 -8.99
C ASP B 50 2.00 26.20 -7.91
N GLY B 51 2.86 27.17 -8.24
CA GLY B 51 3.16 28.26 -7.33
C GLY B 51 4.32 28.06 -6.38
N VAL B 52 4.73 26.81 -6.18
CA VAL B 52 5.84 26.49 -5.27
C VAL B 52 7.18 26.67 -5.99
N VAL B 53 8.13 27.24 -5.26
CA VAL B 53 9.47 27.50 -5.75
C VAL B 53 10.38 26.31 -5.42
N LYS B 54 10.99 25.72 -6.46
CA LYS B 54 11.89 24.57 -6.31
C LYS B 54 13.34 24.98 -6.15
N GLU B 55 14.05 24.29 -5.26
CA GLU B 55 15.46 24.51 -4.95
C GLU B 55 16.34 24.53 -6.21
N LYS B 56 16.25 23.46 -7.01
CA LYS B 56 17.05 23.31 -8.21
C LYS B 56 16.35 22.47 -9.28
N VAL B 57 16.43 22.94 -10.52
CA VAL B 57 15.88 22.24 -11.68
C VAL B 57 16.91 22.30 -12.80
N MET B 58 16.81 21.36 -13.74
CA MET B 58 17.72 21.28 -14.89
C MET B 58 16.81 21.26 -16.11
N LEU B 59 16.75 22.41 -16.77
CA LEU B 59 15.86 22.62 -17.92
C LEU B 59 16.50 22.68 -19.29
N ILE B 60 15.71 22.29 -20.28
CA ILE B 60 16.10 22.32 -21.69
C ILE B 60 15.43 23.57 -22.28
N ASN B 61 16.25 24.47 -22.82
CA ASN B 61 15.83 25.74 -23.45
C ASN B 61 14.97 26.65 -22.54
N GLY B 62 15.28 26.62 -21.25
CA GLY B 62 14.61 27.43 -20.25
C GLY B 62 13.16 27.12 -19.88
N ASN B 63 12.64 25.99 -20.37
CA ASN B 63 11.25 25.60 -20.07
C ASN B 63 11.16 24.32 -19.25
N ILE B 64 9.98 24.06 -18.67
CA ILE B 64 9.72 22.88 -17.84
C ILE B 64 10.03 21.57 -18.58
N MET B 65 9.75 21.55 -19.87
CA MET B 65 10.02 20.42 -20.74
C MET B 65 10.74 20.95 -21.96
N GLY B 66 11.48 20.08 -22.64
CA GLY B 66 12.19 20.47 -23.85
C GLY B 66 11.22 20.64 -25.00
N PRO B 67 11.69 21.04 -26.21
CA PRO B 67 10.75 21.19 -27.32
C PRO B 67 10.11 19.87 -27.76
N ASN B 68 8.87 19.98 -28.23
CA ASN B 68 8.11 18.84 -28.72
C ASN B 68 8.68 18.50 -30.09
N ILE B 69 9.40 17.37 -30.16
CA ILE B 69 10.00 16.91 -31.40
C ILE B 69 8.89 16.42 -32.33
N VAL B 70 8.77 17.08 -33.48
CA VAL B 70 7.77 16.73 -34.48
C VAL B 70 8.47 16.47 -35.82
N ALA B 71 8.20 15.29 -36.38
CA ALA B 71 8.75 14.87 -37.67
C ALA B 71 7.80 13.84 -38.30
N ASN B 72 8.04 13.51 -39.56
CA ASN B 72 7.22 12.53 -40.26
C ASN B 72 7.94 11.21 -40.31
N TRP B 73 7.19 10.13 -40.55
CA TRP B 73 7.71 8.78 -40.66
C TRP B 73 8.70 8.74 -41.84
N GLY B 74 9.94 8.40 -41.53
CA GLY B 74 10.97 8.33 -42.54
C GLY B 74 11.98 9.46 -42.46
N ASP B 75 11.64 10.52 -41.72
CA ASP B 75 12.53 11.66 -41.53
C ASP B 75 13.69 11.28 -40.61
N THR B 76 14.67 12.17 -40.55
CA THR B 76 15.81 12.00 -39.68
C THR B 76 15.68 13.11 -38.64
N VAL B 77 15.78 12.74 -37.37
CA VAL B 77 15.72 13.73 -36.31
C VAL B 77 17.15 13.95 -35.82
N GLU B 78 17.56 15.21 -35.82
CA GLU B 78 18.90 15.60 -35.42
C GLU B 78 18.80 16.56 -34.25
N VAL B 79 19.51 16.25 -33.17
CA VAL B 79 19.49 17.08 -31.98
C VAL B 79 20.87 17.35 -31.40
N THR B 80 21.24 18.64 -31.34
CA THR B 80 22.51 19.05 -30.75
C THR B 80 22.24 19.36 -29.28
N VAL B 81 22.85 18.57 -28.40
CA VAL B 81 22.68 18.76 -26.97
C VAL B 81 23.90 19.46 -26.40
N ILE B 82 23.68 20.67 -25.87
CA ILE B 82 24.73 21.47 -25.26
C ILE B 82 24.47 21.46 -23.76
N ASN B 83 25.39 20.84 -23.03
CA ASN B 83 25.31 20.72 -21.60
C ASN B 83 25.94 21.91 -20.87
N ASN B 84 25.09 22.84 -20.42
CA ASN B 84 25.54 24.01 -19.68
C ASN B 84 25.19 23.91 -18.20
N LEU B 85 25.09 22.68 -17.69
CA LEU B 85 24.84 22.44 -16.27
C LEU B 85 26.14 22.74 -15.54
N VAL B 86 26.08 22.87 -14.22
CA VAL B 86 27.28 23.19 -13.45
C VAL B 86 28.24 22.01 -13.24
N THR B 87 27.72 20.89 -12.73
CA THR B 87 28.55 19.72 -12.46
C THR B 87 28.21 18.45 -13.22
N ASN B 88 26.91 18.24 -13.41
CA ASN B 88 26.38 17.07 -14.09
C ASN B 88 26.72 16.89 -15.54
N GLY B 89 26.96 15.64 -15.91
CA GLY B 89 27.15 15.29 -17.30
C GLY B 89 25.73 15.01 -17.75
N THR B 90 25.53 14.69 -19.03
CA THR B 90 24.19 14.38 -19.52
C THR B 90 24.23 13.45 -20.72
N SER B 91 23.09 12.82 -21.00
CA SER B 91 22.93 11.93 -22.13
C SER B 91 21.43 11.82 -22.34
N ILE B 92 20.98 12.17 -23.54
CA ILE B 92 19.55 12.13 -23.84
C ILE B 92 19.16 10.85 -24.55
N HIS B 93 18.30 10.09 -23.88
CA HIS B 93 17.79 8.83 -24.41
C HIS B 93 16.45 9.08 -25.07
N TRP B 94 16.28 8.48 -26.24
CA TRP B 94 15.07 8.62 -27.05
C TRP B 94 14.25 7.35 -26.83
N HIS B 95 13.46 7.39 -25.75
CA HIS B 95 12.60 6.29 -25.31
C HIS B 95 11.54 5.96 -26.35
N GLY B 96 11.55 4.71 -26.81
CA GLY B 96 10.60 4.24 -27.79
C GLY B 96 11.21 4.12 -29.17
N ILE B 97 12.28 4.88 -29.40
CA ILE B 97 13.00 4.86 -30.68
C ILE B 97 13.99 3.70 -30.65
N HIS B 98 13.81 2.78 -31.60
CA HIS B 98 14.61 1.58 -31.72
C HIS B 98 16.09 1.71 -32.00
N GLN B 99 16.48 2.80 -32.66
CA GLN B 99 17.87 3.06 -33.02
C GLN B 99 18.46 1.90 -33.83
N LYS B 100 17.71 1.51 -34.89
CA LYS B 100 18.10 0.41 -35.78
C LYS B 100 19.45 0.69 -36.42
N ASP B 101 20.44 -0.06 -35.94
CA ASP B 101 21.85 0.01 -36.35
C ASP B 101 22.53 1.35 -36.03
N THR B 102 21.93 2.08 -35.09
CA THR B 102 22.45 3.38 -34.62
C THR B 102 22.51 3.35 -33.08
N ASN B 103 23.05 2.27 -32.54
CA ASN B 103 23.20 2.05 -31.09
C ASN B 103 23.91 3.19 -30.33
N LEU B 104 24.93 3.78 -30.96
CA LEU B 104 25.71 4.86 -30.36
C LEU B 104 24.95 6.18 -30.16
N HIS B 105 23.72 6.24 -30.66
CA HIS B 105 22.86 7.41 -30.52
C HIS B 105 21.71 7.18 -29.51
N ASP B 106 21.78 6.05 -28.80
CA ASP B 106 20.75 5.67 -27.81
C ASP B 106 20.71 6.57 -26.57
N GLY B 107 21.82 7.22 -26.25
CA GLY B 107 21.85 8.13 -25.10
C GLY B 107 21.88 7.48 -23.74
N ALA B 108 22.37 6.24 -23.68
CA ALA B 108 22.47 5.51 -22.43
C ALA B 108 23.92 5.61 -21.96
N ASN B 109 24.20 6.58 -21.10
CA ASN B 109 25.55 6.78 -20.60
C ASN B 109 26.12 5.61 -19.81
N GLY B 110 27.36 5.25 -20.14
CA GLY B 110 28.01 4.13 -19.51
C GLY B 110 27.73 2.86 -20.31
N VAL B 111 26.90 2.98 -21.34
CA VAL B 111 26.55 1.85 -22.19
C VAL B 111 26.87 2.20 -23.65
N THR B 112 26.14 3.17 -24.21
CA THR B 112 26.32 3.57 -25.60
C THR B 112 27.18 4.82 -25.84
N GLU B 113 27.48 5.52 -24.74
CA GLU B 113 28.27 6.74 -24.78
C GLU B 113 28.70 7.18 -23.40
N CYS B 114 29.65 8.10 -23.35
CA CYS B 114 30.10 8.70 -22.09
C CYS B 114 29.19 9.91 -21.97
N PRO B 115 28.96 10.42 -20.75
CA PRO B 115 28.09 11.60 -20.61
C PRO B 115 28.73 12.82 -21.24
N ILE B 116 27.88 13.72 -21.74
CA ILE B 116 28.32 14.95 -22.35
C ILE B 116 28.77 15.81 -21.16
N PRO B 117 30.05 16.25 -21.13
CA PRO B 117 30.53 17.07 -20.00
C PRO B 117 29.81 18.40 -19.84
N PRO B 118 29.70 18.91 -18.59
CA PRO B 118 29.02 20.20 -18.36
C PRO B 118 29.88 21.38 -18.82
N LYS B 119 29.44 22.60 -18.47
CA LYS B 119 30.14 23.84 -18.81
C LYS B 119 30.38 24.08 -20.32
N GLY B 120 29.43 23.63 -21.15
CA GLY B 120 29.53 23.84 -22.59
C GLY B 120 29.80 22.65 -23.50
N GLY B 121 29.88 21.45 -22.92
CA GLY B 121 30.12 20.24 -23.70
C GLY B 121 28.95 19.94 -24.62
N GLN B 122 29.23 19.43 -25.81
CA GLN B 122 28.18 19.13 -26.78
C GLN B 122 28.34 17.82 -27.55
N ARG B 123 27.21 17.34 -28.07
CA ARG B 123 27.14 16.13 -28.87
C ARG B 123 25.85 16.23 -29.67
N THR B 124 25.93 15.81 -30.93
CA THR B 124 24.78 15.84 -31.82
C THR B 124 24.29 14.42 -32.07
N TYR B 125 23.05 14.17 -31.66
CA TYR B 125 22.40 12.88 -31.85
C TYR B 125 21.70 12.93 -33.19
N ARG B 126 21.71 11.80 -33.90
CA ARG B 126 21.10 11.71 -35.21
C ARG B 126 20.47 10.33 -35.37
N TRP B 127 19.16 10.30 -35.54
CA TRP B 127 18.44 9.03 -35.70
C TRP B 127 17.32 9.08 -36.74
N ARG B 128 17.08 7.92 -37.35
CA ARG B 128 16.05 7.77 -38.36
C ARG B 128 14.73 7.37 -37.69
N ALA B 129 13.66 8.04 -38.10
CA ALA B 129 12.32 7.78 -37.58
C ALA B 129 11.69 6.60 -38.32
N ARG B 130 12.05 5.39 -37.89
CA ARG B 130 11.57 4.14 -38.48
C ARG B 130 10.30 3.63 -37.82
N GLN B 131 9.70 4.50 -37.00
CA GLN B 131 8.49 4.17 -36.29
C GLN B 131 7.70 5.44 -36.10
N TYR B 132 6.38 5.31 -36.19
CA TYR B 132 5.49 6.43 -36.02
C TYR B 132 4.61 6.28 -34.79
N GLY B 133 4.34 7.41 -34.14
CA GLY B 133 3.52 7.40 -32.96
C GLY B 133 4.06 8.36 -31.93
N THR B 134 3.76 8.07 -30.68
CA THR B 134 4.18 8.92 -29.58
C THR B 134 5.21 8.26 -28.70
N SER B 135 6.30 8.99 -28.50
CA SER B 135 7.40 8.57 -27.67
C SER B 135 7.86 9.80 -26.89
N TRP B 136 8.97 9.66 -26.18
CA TRP B 136 9.51 10.75 -25.38
C TRP B 136 11.00 10.60 -25.22
N TYR B 137 11.62 11.65 -24.70
CA TYR B 137 13.04 11.64 -24.45
C TYR B 137 13.31 12.10 -23.04
N HIS B 138 14.44 11.66 -22.51
CA HIS B 138 14.84 12.02 -21.16
C HIS B 138 16.31 11.73 -20.94
N SER B 139 16.87 12.34 -19.90
CA SER B 139 18.26 12.11 -19.54
C SER B 139 18.37 10.73 -18.92
N HIS B 140 19.53 10.09 -19.10
CA HIS B 140 19.79 8.78 -18.53
C HIS B 140 20.94 8.87 -17.53
N PHE B 141 21.32 10.11 -17.18
CA PHE B 141 22.39 10.38 -16.22
C PHE B 141 21.75 10.30 -14.84
N SER B 142 21.80 9.09 -14.26
CA SER B 142 21.18 8.79 -12.96
C SER B 142 19.69 9.15 -13.06
N ALA B 143 19.15 9.92 -12.11
CA ALA B 143 17.74 10.31 -12.15
C ALA B 143 17.58 11.78 -12.55
N GLN B 144 18.53 12.30 -13.31
CA GLN B 144 18.55 13.70 -13.77
C GLN B 144 17.27 14.19 -14.46
N TYR B 145 16.56 13.28 -15.14
CA TYR B 145 15.32 13.68 -15.82
C TYR B 145 14.23 14.14 -14.84
N GLY B 146 14.40 13.75 -13.58
CA GLY B 146 13.49 14.14 -12.51
C GLY B 146 13.62 15.61 -12.17
N ASN B 147 14.67 16.25 -12.70
CA ASN B 147 14.94 17.67 -12.51
C ASN B 147 14.40 18.50 -13.69
N GLY B 148 13.87 17.82 -14.71
CA GLY B 148 13.30 18.52 -15.85
C GLY B 148 13.88 18.25 -17.23
N VAL B 149 14.93 17.43 -17.31
CA VAL B 149 15.53 17.10 -18.61
C VAL B 149 14.66 16.02 -19.26
N VAL B 150 13.50 16.46 -19.74
CA VAL B 150 12.48 15.59 -20.32
C VAL B 150 11.72 16.33 -21.43
N GLY B 151 11.15 15.57 -22.36
CA GLY B 151 10.35 16.14 -23.43
C GLY B 151 9.64 15.06 -24.20
N THR B 152 8.89 15.47 -25.23
CA THR B 152 8.11 14.54 -26.05
C THR B 152 8.55 14.40 -27.50
N ILE B 153 8.14 13.29 -28.12
CA ILE B 153 8.42 13.00 -29.53
C ILE B 153 7.13 12.57 -30.22
N GLN B 154 6.80 13.25 -31.32
CA GLN B 154 5.63 12.94 -32.12
C GLN B 154 6.09 12.71 -33.55
N ILE B 155 6.17 11.46 -33.95
CA ILE B 155 6.55 11.11 -35.31
C ILE B 155 5.24 10.79 -36.00
N ASN B 156 4.80 11.70 -36.86
CA ASN B 156 3.54 11.55 -37.59
C ASN B 156 3.59 10.42 -38.60
N GLY B 157 2.47 9.72 -38.68
CA GLY B 157 2.34 8.59 -39.58
C GLY B 157 0.87 8.20 -39.63
N PRO B 158 0.54 7.05 -40.24
CA PRO B 158 -0.85 6.63 -40.33
C PRO B 158 -1.42 6.14 -38.97
N ALA B 159 -2.72 5.93 -38.92
CA ALA B 159 -3.38 5.48 -37.71
C ALA B 159 -4.40 4.37 -38.00
N SER B 160 -4.74 3.60 -36.97
CA SER B 160 -5.68 2.48 -37.09
C SER B 160 -7.16 2.84 -37.00
N LEU B 161 -7.46 4.14 -36.94
CA LEU B 161 -8.83 4.62 -36.86
C LEU B 161 -8.89 6.05 -37.40
N PRO B 162 -10.01 6.41 -38.09
CA PRO B 162 -10.10 7.79 -38.59
C PRO B 162 -10.36 8.78 -37.45
N TYR B 163 -9.86 9.99 -37.61
CA TYR B 163 -10.03 11.06 -36.63
C TYR B 163 -9.89 12.39 -37.35
N ASP B 164 -10.48 13.44 -36.77
CA ASP B 164 -10.47 14.76 -37.37
C ASP B 164 -9.35 15.67 -36.91
N ILE B 165 -9.15 15.72 -35.59
CA ILE B 165 -8.15 16.59 -34.96
C ILE B 165 -7.10 15.82 -34.15
N ASP B 166 -5.85 16.24 -34.27
CA ASP B 166 -4.74 15.66 -33.51
C ASP B 166 -4.39 16.72 -32.48
N LEU B 167 -4.84 16.51 -31.24
CA LEU B 167 -4.59 17.43 -30.12
C LEU B 167 -3.13 17.45 -29.70
N GLY B 168 -2.38 16.46 -30.16
CA GLY B 168 -0.97 16.38 -29.86
C GLY B 168 -0.66 15.68 -28.55
N VAL B 169 0.53 15.99 -28.02
CA VAL B 169 1.02 15.40 -26.79
C VAL B 169 0.35 15.87 -25.50
N PHE B 170 0.22 14.93 -24.57
CA PHE B 170 -0.41 15.18 -23.29
C PHE B 170 0.42 14.45 -22.22
N PRO B 171 1.62 14.98 -21.88
CA PRO B 171 2.46 14.33 -20.87
C PRO B 171 1.96 14.52 -19.44
N ILE B 172 1.85 13.41 -18.73
CA ILE B 172 1.41 13.42 -17.34
C ILE B 172 2.61 12.93 -16.54
N THR B 173 3.00 13.70 -15.53
CA THR B 173 4.16 13.36 -14.72
C THR B 173 4.00 13.69 -13.25
N ASP B 174 4.72 12.93 -12.42
CA ASP B 174 4.74 13.21 -10.99
C ASP B 174 5.65 14.42 -10.83
N TYR B 175 5.44 15.17 -9.75
CA TYR B 175 6.20 16.38 -9.51
C TYR B 175 6.61 16.41 -8.05
N TYR B 176 7.91 16.52 -7.83
CA TYR B 176 8.49 16.58 -6.49
C TYR B 176 9.21 17.91 -6.34
N TYR B 177 9.10 18.51 -5.15
CA TYR B 177 9.75 19.79 -4.87
C TYR B 177 11.24 19.58 -4.62
N ARG B 178 11.57 18.38 -4.11
CA ARG B 178 12.96 18.00 -3.85
C ARG B 178 13.60 17.56 -5.16
N ALA B 179 14.89 17.86 -5.30
CA ALA B 179 15.67 17.54 -6.49
C ALA B 179 15.90 16.02 -6.61
N ALA B 180 16.15 15.57 -7.84
CA ALA B 180 16.37 14.16 -8.15
C ALA B 180 17.47 13.45 -7.37
N ASP B 181 18.61 14.11 -7.19
CA ASP B 181 19.74 13.54 -6.47
C ASP B 181 19.46 13.35 -4.98
N ASP B 182 18.68 14.27 -4.40
CA ASP B 182 18.30 14.20 -2.99
C ASP B 182 17.30 13.08 -2.78
N LEU B 183 16.46 12.84 -3.80
CA LEU B 183 15.46 11.79 -3.77
C LEU B 183 16.07 10.41 -4.02
N VAL B 184 17.18 10.35 -4.77
CA VAL B 184 17.89 9.08 -5.03
C VAL B 184 18.51 8.66 -3.70
N HIS B 185 19.15 9.62 -3.03
CA HIS B 185 19.80 9.44 -1.72
C HIS B 185 18.78 8.99 -0.67
N PHE B 186 17.60 9.62 -0.70
CA PHE B 186 16.51 9.31 0.23
C PHE B 186 15.97 7.91 0.00
N THR B 187 15.69 7.57 -1.25
CA THR B 187 15.15 6.25 -1.60
C THR B 187 16.11 5.09 -1.47
N GLN B 188 17.39 5.41 -1.28
CA GLN B 188 18.43 4.40 -1.09
C GLN B 188 18.27 3.77 0.30
N ASN B 189 17.73 4.56 1.24
CA ASN B 189 17.53 4.09 2.62
C ASN B 189 16.09 4.17 3.10
N ASN B 190 15.20 4.77 2.30
CA ASN B 190 13.79 4.91 2.68
C ASN B 190 12.83 4.53 1.55
N ALA B 191 11.58 4.25 1.92
CA ALA B 191 10.53 3.91 0.98
C ALA B 191 10.21 5.17 0.17
N PRO B 192 9.95 5.04 -1.15
CA PRO B 192 9.64 6.18 -2.01
C PRO B 192 8.46 7.05 -1.56
N PRO B 193 8.61 8.38 -1.62
CA PRO B 193 7.50 9.25 -1.19
C PRO B 193 6.42 9.39 -2.26
N PHE B 194 5.28 9.92 -1.86
CA PHE B 194 4.18 10.20 -2.76
C PHE B 194 4.63 11.50 -3.46
N SER B 195 4.15 11.73 -4.67
CA SER B 195 4.50 12.96 -5.38
C SER B 195 3.80 14.13 -4.74
N ASP B 196 4.42 15.32 -4.84
CA ASP B 196 3.85 16.53 -4.27
C ASP B 196 2.66 16.98 -5.10
N ASN B 197 2.75 16.70 -6.40
CA ASN B 197 1.68 17.02 -7.35
C ASN B 197 1.88 16.16 -8.60
N VAL B 198 0.90 16.23 -9.49
CA VAL B 198 0.94 15.52 -10.76
C VAL B 198 0.60 16.57 -11.82
N LEU B 199 1.58 16.86 -12.67
CA LEU B 199 1.42 17.83 -13.75
C LEU B 199 0.85 17.16 -14.97
N ILE B 200 -0.14 17.81 -15.58
CA ILE B 200 -0.77 17.33 -16.79
C ILE B 200 -0.49 18.44 -17.80
N ASN B 201 0.28 18.08 -18.82
CA ASN B 201 0.72 18.97 -19.89
C ASN B 201 1.48 20.19 -19.32
N GLY B 202 2.32 19.91 -18.32
CA GLY B 202 3.14 20.92 -17.68
C GLY B 202 2.52 21.77 -16.59
N THR B 203 1.25 21.52 -16.24
CA THR B 203 0.59 22.32 -15.20
C THR B 203 -0.35 21.56 -14.28
N ALA B 204 -0.59 22.14 -13.10
CA ALA B 204 -1.49 21.59 -12.08
C ALA B 204 -1.77 22.65 -11.04
N VAL B 205 -2.85 22.43 -10.29
CA VAL B 205 -3.25 23.32 -9.20
C VAL B 205 -2.69 22.78 -7.90
N ASN B 206 -2.19 23.69 -7.06
CA ASN B 206 -1.64 23.36 -5.75
C ASN B 206 -2.84 23.01 -4.84
N PRO B 207 -2.87 21.78 -4.26
CA PRO B 207 -3.95 21.33 -3.39
C PRO B 207 -4.14 22.09 -2.07
N ASN B 208 -3.11 22.85 -1.68
CA ASN B 208 -3.13 23.63 -0.44
C ASN B 208 -3.43 25.11 -0.61
N THR B 209 -2.73 25.77 -1.54
CA THR B 209 -2.89 27.21 -1.79
C THR B 209 -3.89 27.60 -2.87
N GLY B 210 -4.13 26.69 -3.82
CA GLY B 210 -5.06 26.96 -4.91
C GLY B 210 -4.38 27.64 -6.10
N GLU B 211 -3.06 27.83 -6.01
CA GLU B 211 -2.27 28.45 -7.08
C GLU B 211 -2.04 27.50 -8.25
N GLY B 212 -1.81 28.09 -9.42
CA GLY B 212 -1.58 27.30 -10.63
C GLY B 212 -2.82 27.20 -11.47
N GLN B 213 -2.76 26.36 -12.50
CA GLN B 213 -3.90 26.18 -13.40
C GLN B 213 -4.04 24.74 -13.88
N TYR B 214 -5.27 24.34 -14.16
CA TYR B 214 -5.56 23.00 -14.67
C TYR B 214 -5.25 23.02 -16.17
N ALA B 215 -4.86 21.87 -16.72
CA ALA B 215 -4.60 21.75 -18.15
C ALA B 215 -5.96 21.89 -18.81
N ASN B 216 -6.03 22.74 -19.82
CA ASN B 216 -7.29 23.02 -20.49
C ASN B 216 -7.27 22.62 -21.96
N VAL B 217 -7.99 21.54 -22.27
CA VAL B 217 -8.09 21.02 -23.62
C VAL B 217 -9.46 21.38 -24.20
N THR B 218 -9.45 22.04 -25.35
CA THR B 218 -10.67 22.43 -26.02
C THR B 218 -11.03 21.40 -27.08
N LEU B 219 -12.17 20.75 -26.86
CA LEU B 219 -12.70 19.75 -27.79
C LEU B 219 -13.72 20.44 -28.68
N THR B 220 -13.72 20.07 -29.96
CA THR B 220 -14.66 20.63 -30.92
C THR B 220 -15.84 19.65 -30.96
N PRO B 221 -17.08 20.12 -30.62
CA PRO B 221 -18.29 19.29 -30.61
C PRO B 221 -18.52 18.45 -31.86
N GLY B 222 -18.69 17.14 -31.64
CA GLY B 222 -18.92 16.21 -32.73
C GLY B 222 -17.72 15.63 -33.45
N LYS B 223 -16.54 16.18 -33.18
CA LYS B 223 -15.32 15.70 -33.82
C LYS B 223 -14.59 14.63 -33.04
N ARG B 224 -13.82 13.82 -33.76
CA ARG B 224 -13.03 12.73 -33.20
C ARG B 224 -11.61 13.26 -33.01
N HIS B 225 -11.16 13.31 -31.75
CA HIS B 225 -9.86 13.85 -31.38
C HIS B 225 -8.80 12.84 -30.98
N ARG B 226 -7.60 12.94 -31.55
CA ARG B 226 -6.51 12.05 -31.16
C ARG B 226 -5.76 12.74 -30.03
N LEU B 227 -5.65 12.05 -28.90
CA LEU B 227 -4.95 12.56 -27.74
C LEU B 227 -3.82 11.59 -27.44
N ARG B 228 -2.59 12.11 -27.42
CA ARG B 228 -1.40 11.31 -27.17
C ARG B 228 -0.96 11.41 -25.71
N ILE B 229 -1.46 10.47 -24.90
CA ILE B 229 -1.18 10.42 -23.47
C ILE B 229 0.16 9.77 -23.14
N LEU B 230 0.95 10.43 -22.30
CA LEU B 230 2.26 9.91 -21.90
C LEU B 230 2.41 9.95 -20.40
N ASN B 231 3.20 9.01 -19.87
CA ASN B 231 3.52 8.99 -18.45
C ASN B 231 5.03 9.23 -18.43
N THR B 232 5.40 10.48 -18.17
CA THR B 232 6.80 10.89 -18.14
C THR B 232 7.40 10.93 -16.73
N SER B 233 6.73 10.25 -15.80
CA SER B 233 7.12 10.19 -14.39
C SER B 233 8.45 9.53 -14.05
N THR B 234 8.88 9.74 -12.82
CA THR B 234 10.07 9.12 -12.27
C THR B 234 9.64 7.90 -11.47
N GLU B 235 8.41 7.93 -10.95
CA GLU B 235 7.89 6.81 -10.14
C GLU B 235 6.40 6.51 -10.31
N ASN B 236 5.57 7.54 -10.22
CA ASN B 236 4.12 7.38 -10.31
C ASN B 236 3.56 6.70 -11.56
N HIS B 237 2.66 5.75 -11.31
CA HIS B 237 1.98 5.01 -12.36
C HIS B 237 0.54 5.52 -12.27
N PHE B 238 0.02 5.97 -13.41
CA PHE B 238 -1.31 6.56 -13.47
C PHE B 238 -2.44 5.77 -14.08
N GLN B 239 -3.66 6.13 -13.64
CA GLN B 239 -4.90 5.57 -14.17
C GLN B 239 -5.56 6.85 -14.69
N VAL B 240 -5.93 6.84 -15.97
CA VAL B 240 -6.57 8.02 -16.56
C VAL B 240 -7.99 7.73 -17.05
N SER B 241 -8.86 8.71 -16.88
CA SER B 241 -10.26 8.61 -17.30
C SER B 241 -10.84 10.00 -17.51
N LEU B 242 -11.78 10.09 -18.44
CA LEU B 242 -12.47 11.34 -18.73
C LEU B 242 -13.93 11.10 -18.37
N VAL B 243 -14.44 11.90 -17.45
CA VAL B 243 -15.83 11.81 -16.98
C VAL B 243 -16.83 11.84 -18.13
N ASN B 244 -17.74 10.85 -18.12
CA ASN B 244 -18.83 10.68 -19.10
C ASN B 244 -18.39 10.26 -20.52
N HIS B 245 -17.08 10.07 -20.74
CA HIS B 245 -16.56 9.65 -22.04
C HIS B 245 -15.78 8.35 -21.96
N THR B 246 -15.61 7.74 -23.13
CA THR B 246 -14.84 6.53 -23.30
C THR B 246 -13.60 6.98 -24.10
N MET B 247 -12.57 6.14 -24.12
CA MET B 247 -11.36 6.43 -24.87
C MET B 247 -11.07 5.23 -25.74
N THR B 248 -10.80 5.47 -27.02
CA THR B 248 -10.50 4.38 -27.95
C THR B 248 -9.01 4.37 -28.27
N VAL B 249 -8.33 3.35 -27.76
CA VAL B 249 -6.89 3.17 -27.95
C VAL B 249 -6.58 2.79 -29.39
N ILE B 250 -5.65 3.53 -30.00
CA ILE B 250 -5.22 3.25 -31.37
C ILE B 250 -3.73 2.92 -31.41
N ALA B 251 -3.03 3.16 -30.29
CA ALA B 251 -1.60 2.87 -30.15
C ALA B 251 -1.18 2.70 -28.70
N ALA B 252 -0.32 1.71 -28.48
CA ALA B 252 0.25 1.37 -27.17
C ALA B 252 1.73 1.63 -27.36
N ASP B 253 2.26 2.64 -26.65
CA ASP B 253 3.64 3.10 -26.76
C ASP B 253 3.82 3.62 -28.19
N MET B 254 4.77 3.07 -28.95
CA MET B 254 4.94 3.52 -30.33
C MET B 254 4.50 2.45 -31.33
N VAL B 255 3.57 1.60 -30.90
CA VAL B 255 3.05 0.51 -31.72
C VAL B 255 1.55 0.69 -31.96
N PRO B 256 1.13 0.84 -33.24
CA PRO B 256 -0.29 1.01 -33.58
C PRO B 256 -1.06 -0.27 -33.30
N VAL B 257 -2.17 -0.13 -32.59
CA VAL B 257 -3.00 -1.27 -32.25
C VAL B 257 -4.41 -1.09 -32.80
N ASN B 258 -5.14 -2.20 -32.93
CA ASN B 258 -6.52 -2.19 -33.41
C ASN B 258 -7.34 -1.46 -32.36
N ALA B 259 -8.32 -0.68 -32.81
CA ALA B 259 -9.21 0.10 -31.95
C ALA B 259 -9.74 -0.67 -30.74
N MET B 260 -9.47 -0.13 -29.55
CA MET B 260 -9.90 -0.76 -28.31
C MET B 260 -10.50 0.30 -27.37
N THR B 261 -11.83 0.26 -27.26
CA THR B 261 -12.58 1.21 -26.44
C THR B 261 -12.64 0.80 -24.97
N VAL B 262 -12.21 1.73 -24.10
CA VAL B 262 -12.18 1.53 -22.65
C VAL B 262 -12.71 2.76 -21.89
N ASP B 263 -12.99 2.57 -20.59
CA ASP B 263 -13.48 3.64 -19.73
C ASP B 263 -12.29 4.32 -19.04
N SER B 264 -11.24 3.53 -18.80
CA SER B 264 -10.01 4.00 -18.16
C SER B 264 -8.79 3.26 -18.67
N LEU B 265 -7.63 3.88 -18.50
CA LEU B 265 -6.36 3.33 -18.93
C LEU B 265 -5.29 3.45 -17.88
N PHE B 266 -4.46 2.42 -17.78
CA PHE B 266 -3.35 2.42 -16.86
C PHE B 266 -2.09 2.75 -17.64
N LEU B 267 -1.34 3.76 -17.17
CA LEU B 267 -0.08 4.14 -17.78
C LEU B 267 1.04 3.96 -16.80
N ALA B 268 1.90 2.97 -17.07
CA ALA B 268 3.08 2.71 -16.25
C ALA B 268 4.09 3.80 -16.59
N VAL B 269 5.15 3.92 -15.80
CA VAL B 269 6.19 4.91 -16.07
C VAL B 269 6.82 4.60 -17.44
N GLY B 270 6.80 5.59 -18.32
CA GLY B 270 7.35 5.42 -19.64
C GLY B 270 6.36 5.01 -20.70
N GLN B 271 5.18 4.56 -20.28
CA GLN B 271 4.13 4.13 -21.21
C GLN B 271 3.38 5.28 -21.85
N ARG B 272 2.92 5.01 -23.07
CA ARG B 272 2.14 5.96 -23.85
C ARG B 272 0.92 5.26 -24.43
N TYR B 273 -0.12 6.05 -24.65
CA TYR B 273 -1.35 5.58 -25.27
C TYR B 273 -1.90 6.70 -26.13
N ASP B 274 -2.11 6.39 -27.41
CA ASP B 274 -2.71 7.34 -28.35
C ASP B 274 -4.17 6.96 -28.37
N VAL B 275 -5.03 7.89 -27.94
CA VAL B 275 -6.47 7.61 -27.90
C VAL B 275 -7.28 8.53 -28.80
N VAL B 276 -8.43 8.05 -29.21
CA VAL B 276 -9.37 8.83 -30.03
C VAL B 276 -10.58 9.07 -29.12
N ILE B 277 -10.79 10.35 -28.80
CA ILE B 277 -11.92 10.77 -27.95
C ILE B 277 -12.94 11.48 -28.82
N ASP B 278 -14.16 10.94 -28.84
CA ASP B 278 -15.26 11.51 -29.59
C ASP B 278 -15.99 12.50 -28.70
N ALA B 279 -16.11 13.73 -29.19
CA ALA B 279 -16.81 14.79 -28.46
C ALA B 279 -18.30 14.65 -28.77
N SER B 280 -18.84 13.50 -28.36
CA SER B 280 -20.23 13.11 -28.59
C SER B 280 -21.19 13.34 -27.43
N ARG B 281 -20.70 13.91 -26.33
CA ARG B 281 -21.53 14.16 -25.15
C ARG B 281 -22.09 15.58 -25.17
N ALA B 282 -22.89 15.91 -24.15
CA ALA B 282 -23.50 17.24 -24.01
C ALA B 282 -22.43 18.32 -23.80
N PRO B 283 -22.55 19.47 -24.53
CA PRO B 283 -21.58 20.58 -24.40
C PRO B 283 -21.42 21.06 -22.96
N ASP B 284 -20.28 20.71 -22.37
CA ASP B 284 -19.96 21.03 -20.98
C ASP B 284 -18.44 20.91 -20.76
N ASN B 285 -18.02 21.15 -19.52
CA ASN B 285 -16.64 21.05 -19.09
C ASN B 285 -16.58 19.73 -18.32
N TYR B 286 -15.64 18.86 -18.69
CA TYR B 286 -15.50 17.56 -18.03
C TYR B 286 -14.11 17.35 -17.44
N TRP B 287 -14.04 16.69 -16.29
CA TRP B 287 -12.75 16.39 -15.63
C TRP B 287 -12.05 15.21 -16.29
N PHE B 288 -10.74 15.36 -16.47
CA PHE B 288 -9.88 14.30 -16.97
C PHE B 288 -9.18 13.97 -15.67
N ASN B 289 -9.50 12.81 -15.11
CA ASN B 289 -8.94 12.41 -13.84
C ASN B 289 -7.74 11.50 -13.86
N VAL B 290 -6.78 11.83 -13.00
CA VAL B 290 -5.58 11.04 -12.80
C VAL B 290 -5.80 10.42 -11.42
N THR B 291 -5.93 9.09 -11.40
CA THR B 291 -6.16 8.35 -10.16
C THR B 291 -5.10 7.26 -9.97
N PHE B 292 -5.07 6.71 -8.76
CA PHE B 292 -4.13 5.66 -8.41
C PHE B 292 -4.84 4.41 -7.95
N GLY B 293 -4.28 3.28 -8.36
CA GLY B 293 -4.82 2.00 -7.99
C GLY B 293 -3.69 1.17 -7.45
N GLY B 294 -3.91 -0.13 -7.30
CA GLY B 294 -2.90 -1.02 -6.78
C GLY B 294 -2.55 -0.80 -5.32
N GLN B 295 -3.40 -0.04 -4.65
CA GLN B 295 -3.27 0.30 -3.24
C GLN B 295 -1.88 0.88 -2.90
N ALA B 296 -1.49 1.90 -3.67
CA ALA B 296 -0.21 2.62 -3.56
C ALA B 296 1.07 1.82 -3.82
N ALA B 297 0.92 0.62 -4.40
CA ALA B 297 2.05 -0.25 -4.72
C ALA B 297 2.89 0.32 -5.85
N CYS B 298 2.28 1.18 -6.67
CA CYS B 298 3.00 1.81 -7.77
C CYS B 298 2.82 3.33 -7.81
N GLY B 299 2.79 3.91 -6.61
CA GLY B 299 2.69 5.35 -6.47
C GLY B 299 1.41 5.98 -5.93
N GLY B 300 1.55 7.25 -5.60
CA GLY B 300 0.45 8.06 -5.10
C GLY B 300 0.87 9.52 -5.14
N SER B 301 -0.07 10.41 -4.84
CA SER B 301 0.23 11.84 -4.83
C SER B 301 -0.38 12.54 -3.63
N LEU B 302 0.28 13.63 -3.21
CA LEU B 302 -0.19 14.44 -2.08
C LEU B 302 -1.35 15.33 -2.52
N ASN B 303 -1.52 15.43 -3.84
CA ASN B 303 -2.66 16.13 -4.45
C ASN B 303 -3.62 14.94 -4.57
N PRO B 304 -4.73 14.93 -3.77
CA PRO B 304 -5.70 13.83 -3.81
C PRO B 304 -6.48 13.65 -5.09
N HIS B 305 -6.65 14.73 -5.87
CA HIS B 305 -7.41 14.70 -7.12
C HIS B 305 -6.77 15.47 -8.28
N PRO B 306 -5.62 14.98 -8.84
CA PRO B 306 -4.96 15.66 -9.96
C PRO B 306 -5.88 15.54 -11.17
N ALA B 307 -6.15 16.67 -11.81
CA ALA B 307 -7.06 16.69 -12.94
C ALA B 307 -6.79 17.78 -13.96
N ALA B 308 -7.42 17.61 -15.12
CA ALA B 308 -7.36 18.53 -16.24
C ALA B 308 -8.81 18.77 -16.67
N ILE B 309 -9.03 19.86 -17.40
CA ILE B 309 -10.37 20.22 -17.89
C ILE B 309 -10.47 20.00 -19.40
N PHE B 310 -11.54 19.31 -19.80
CA PHE B 310 -11.82 19.07 -21.21
C PHE B 310 -13.07 19.90 -21.52
N HIS B 311 -12.81 21.05 -22.09
CA HIS B 311 -13.84 22.03 -22.45
C HIS B 311 -14.37 21.85 -23.87
N TYR B 312 -15.70 21.81 -24.00
CA TYR B 312 -16.34 21.73 -25.31
C TYR B 312 -16.44 23.16 -25.81
N ALA B 313 -16.00 23.38 -27.05
CA ALA B 313 -16.04 24.72 -27.67
C ALA B 313 -17.46 25.26 -27.80
N GLY B 314 -17.68 26.47 -27.29
CA GLY B 314 -19.00 27.10 -27.33
C GLY B 314 -19.77 27.02 -26.03
N ALA B 315 -19.42 26.03 -25.21
CA ALA B 315 -20.04 25.77 -23.90
C ALA B 315 -19.52 26.79 -22.86
N PRO B 316 -20.19 26.92 -21.68
CA PRO B 316 -19.70 27.88 -20.68
C PRO B 316 -18.32 27.53 -20.12
N GLY B 317 -17.63 28.53 -19.57
CA GLY B 317 -16.32 28.32 -18.99
C GLY B 317 -16.41 27.81 -17.56
N GLY B 318 -15.35 28.02 -16.79
CA GLY B 318 -15.31 27.58 -15.40
C GLY B 318 -14.93 26.13 -15.18
N LEU B 319 -15.09 25.69 -13.93
CA LEU B 319 -14.75 24.34 -13.51
C LEU B 319 -15.90 23.33 -13.72
N PRO B 320 -15.56 22.05 -14.04
CA PRO B 320 -16.57 20.99 -14.24
C PRO B 320 -17.34 20.72 -12.95
N THR B 321 -18.60 20.32 -13.09
CA THR B 321 -19.49 20.05 -11.96
C THR B 321 -19.62 18.58 -11.58
N ASP B 322 -19.46 17.69 -12.55
CA ASP B 322 -19.57 16.25 -12.34
C ASP B 322 -18.21 15.64 -11.94
N GLU B 323 -18.11 15.26 -10.66
CA GLU B 323 -16.90 14.65 -10.10
C GLU B 323 -16.68 13.22 -10.64
N GLY B 324 -17.78 12.64 -11.12
CA GLY B 324 -17.75 11.30 -11.69
C GLY B 324 -17.62 10.15 -10.72
N THR B 325 -17.57 8.95 -11.30
CA THR B 325 -17.42 7.71 -10.57
C THR B 325 -15.95 7.29 -10.61
N PRO B 326 -15.41 6.75 -9.49
CA PRO B 326 -13.99 6.34 -9.51
C PRO B 326 -13.81 5.16 -10.48
N PRO B 327 -12.74 5.19 -11.31
CA PRO B 327 -12.51 4.11 -12.26
C PRO B 327 -12.15 2.79 -11.60
N VAL B 328 -12.18 1.70 -12.39
CA VAL B 328 -11.83 0.38 -11.88
C VAL B 328 -10.35 0.36 -11.47
N ASP B 329 -10.05 -0.35 -10.39
CA ASP B 329 -8.68 -0.46 -9.89
C ASP B 329 -7.91 -1.35 -10.87
N HIS B 330 -6.93 -0.75 -11.55
CA HIS B 330 -6.11 -1.46 -12.53
C HIS B 330 -5.02 -2.32 -11.91
N GLN B 331 -4.91 -2.23 -10.59
CA GLN B 331 -3.96 -3.00 -9.77
C GLN B 331 -2.50 -2.99 -10.22
N CYS B 332 -2.02 -1.80 -10.61
CA CYS B 332 -0.65 -1.60 -11.09
C CYS B 332 -0.27 -2.48 -12.29
N LEU B 333 -1.26 -2.74 -13.14
CA LEU B 333 -1.07 -3.58 -14.32
C LEU B 333 -1.61 -2.94 -15.57
N ASP B 334 -0.83 -3.03 -16.64
CA ASP B 334 -1.24 -2.51 -17.93
C ASP B 334 -2.05 -3.60 -18.63
N THR B 335 -2.94 -3.19 -19.53
CA THR B 335 -3.79 -4.15 -20.25
C THR B 335 -3.06 -4.99 -21.29
N LEU B 336 -3.39 -6.29 -21.29
CA LEU B 336 -2.82 -7.22 -22.25
C LEU B 336 -3.82 -7.55 -23.35
N ASP B 337 -4.81 -6.68 -23.52
CA ASP B 337 -5.87 -6.85 -24.52
C ASP B 337 -5.55 -6.17 -25.84
N VAL B 338 -4.55 -5.29 -25.85
CA VAL B 338 -4.15 -4.58 -27.07
C VAL B 338 -3.55 -5.51 -28.12
N ARG B 339 -4.03 -5.37 -29.34
CA ARG B 339 -3.58 -6.21 -30.45
C ARG B 339 -3.00 -5.34 -31.57
N PRO B 340 -1.67 -5.44 -31.82
CA PRO B 340 -0.99 -4.68 -32.87
C PRO B 340 -1.57 -4.88 -34.26
N VAL B 341 -1.62 -3.80 -35.05
CA VAL B 341 -2.14 -3.83 -36.43
C VAL B 341 -1.27 -4.78 -37.28
N VAL B 342 0.05 -4.58 -37.20
CA VAL B 342 1.02 -5.43 -37.91
C VAL B 342 1.28 -6.59 -36.93
N PRO B 343 0.87 -7.83 -37.29
CA PRO B 343 1.06 -8.99 -36.43
C PRO B 343 2.43 -9.63 -36.31
N ARG B 344 2.62 -10.34 -35.19
CA ARG B 344 3.83 -11.12 -34.91
C ARG B 344 3.35 -12.44 -34.33
N SER B 345 3.96 -13.55 -34.74
CA SER B 345 3.59 -14.87 -34.26
C SER B 345 4.82 -15.60 -33.76
N VAL B 346 4.73 -16.14 -32.54
CA VAL B 346 5.82 -16.89 -31.91
C VAL B 346 5.33 -18.14 -31.17
N PRO B 347 6.11 -19.24 -31.20
CA PRO B 347 5.67 -20.45 -30.48
C PRO B 347 5.89 -20.26 -28.98
N VAL B 348 4.91 -20.65 -28.18
CA VAL B 348 5.01 -20.53 -26.73
C VAL B 348 5.06 -21.90 -26.05
N ASN B 349 4.68 -22.94 -26.79
CA ASN B 349 4.65 -24.32 -26.31
C ASN B 349 6.04 -24.90 -25.99
N SER B 350 7.05 -24.41 -26.70
CA SER B 350 8.43 -24.87 -26.57
C SER B 350 9.30 -24.17 -25.51
N PHE B 351 8.73 -23.21 -24.78
CA PHE B 351 9.47 -22.49 -23.74
C PHE B 351 9.79 -23.36 -22.52
N VAL B 352 11.08 -23.35 -22.14
CA VAL B 352 11.59 -24.09 -20.99
C VAL B 352 12.38 -23.10 -20.13
N LYS B 353 12.06 -23.05 -18.83
CA LYS B 353 12.72 -22.18 -17.86
C LYS B 353 14.14 -22.69 -17.59
N ARG B 354 15.13 -21.90 -18.02
CA ARG B 354 16.55 -22.21 -17.86
C ARG B 354 17.27 -20.98 -17.31
N PRO B 355 18.40 -21.15 -16.57
CA PRO B 355 19.13 -19.99 -16.01
C PRO B 355 19.55 -18.92 -17.04
N ASP B 356 19.82 -19.34 -18.28
CA ASP B 356 20.23 -18.40 -19.33
C ASP B 356 19.12 -17.55 -19.96
N ASN B 357 17.86 -17.86 -19.61
CA ASN B 357 16.72 -17.09 -20.11
C ASN B 357 15.89 -16.51 -18.97
N THR B 358 16.38 -16.69 -17.75
CA THR B 358 15.71 -16.21 -16.54
C THR B 358 16.44 -15.05 -15.88
N LEU B 359 15.68 -14.00 -15.59
CA LEU B 359 16.21 -12.78 -14.95
C LEU B 359 15.51 -12.54 -13.62
N PRO B 360 16.03 -13.12 -12.50
CA PRO B 360 15.34 -12.88 -11.23
C PRO B 360 15.71 -11.54 -10.59
N VAL B 361 14.68 -10.74 -10.32
CA VAL B 361 14.82 -9.43 -9.68
C VAL B 361 14.79 -9.71 -8.18
N ALA B 362 15.68 -9.08 -7.43
CA ALA B 362 15.72 -9.28 -5.99
C ALA B 362 16.14 -8.04 -5.24
N LEU B 363 15.44 -7.77 -4.14
CA LEU B 363 15.76 -6.65 -3.28
C LEU B 363 16.70 -7.16 -2.18
N ASP B 364 17.91 -6.61 -2.16
CA ASP B 364 18.92 -6.99 -1.17
C ASP B 364 18.96 -5.92 -0.08
N LEU B 365 18.65 -6.35 1.14
CA LEU B 365 18.62 -5.49 2.32
C LEU B 365 19.83 -5.69 3.24
N THR B 366 20.77 -6.53 2.82
CA THR B 366 21.97 -6.85 3.62
C THR B 366 23.20 -5.95 3.48
N GLY B 367 23.24 -5.10 2.45
CA GLY B 367 24.40 -4.24 2.24
C GLY B 367 24.23 -2.77 2.56
N THR B 368 25.05 -1.95 1.91
CA THR B 368 25.04 -0.49 2.07
C THR B 368 24.89 0.10 0.65
N PRO B 369 23.80 0.85 0.38
CA PRO B 369 22.64 1.24 1.22
C PRO B 369 21.61 0.11 1.41
N LEU B 370 20.53 0.41 2.13
CA LEU B 370 19.48 -0.58 2.40
C LEU B 370 18.76 -1.10 1.16
N PHE B 371 18.32 -0.20 0.29
CA PHE B 371 17.61 -0.58 -0.93
C PHE B 371 18.51 -0.73 -2.14
N VAL B 372 18.96 -1.96 -2.36
CA VAL B 372 19.82 -2.31 -3.48
C VAL B 372 19.05 -3.36 -4.29
N TRP B 373 18.76 -3.01 -5.54
CA TRP B 373 18.03 -3.89 -6.44
C TRP B 373 18.97 -4.69 -7.32
N LYS B 374 18.83 -6.01 -7.28
CA LYS B 374 19.69 -6.91 -8.04
C LYS B 374 18.95 -7.74 -9.08
N VAL B 375 19.56 -7.90 -10.24
CA VAL B 375 19.00 -8.73 -11.31
C VAL B 375 20.05 -9.81 -11.57
N ASN B 376 19.63 -11.06 -11.32
CA ASN B 376 20.46 -12.26 -11.45
C ASN B 376 21.67 -12.24 -10.49
N GLY B 377 21.43 -11.67 -9.31
CA GLY B 377 22.43 -11.57 -8.26
C GLY B 377 23.33 -10.35 -8.32
N SER B 378 23.07 -9.44 -9.26
CA SER B 378 23.92 -8.25 -9.40
C SER B 378 23.18 -6.94 -9.66
N ASP B 379 23.56 -5.90 -8.91
CA ASP B 379 23.00 -4.57 -9.08
C ASP B 379 23.85 -3.87 -10.12
N ILE B 380 23.21 -3.32 -11.16
CA ILE B 380 23.94 -2.65 -12.22
C ILE B 380 24.67 -1.39 -11.75
N ASN B 381 25.89 -1.22 -12.24
CA ASN B 381 26.72 -0.05 -11.95
C ASN B 381 27.61 0.09 -13.18
N VAL B 382 27.25 1.03 -14.04
CA VAL B 382 27.99 1.27 -15.27
C VAL B 382 29.14 2.24 -15.06
N ASP B 383 30.10 2.21 -15.97
CA ASP B 383 31.24 3.11 -15.89
C ASP B 383 31.03 4.21 -16.93
N TRP B 384 30.72 5.41 -16.42
CA TRP B 384 30.50 6.60 -17.25
C TRP B 384 31.72 6.90 -18.12
N GLY B 385 32.91 6.60 -17.58
CA GLY B 385 34.18 6.83 -18.27
C GLY B 385 34.63 5.71 -19.19
N LYS B 386 33.99 4.54 -19.09
CA LYS B 386 34.31 3.41 -19.95
C LYS B 386 33.04 2.61 -20.30
N PRO B 387 32.28 3.11 -21.30
CA PRO B 387 31.04 2.47 -21.76
C PRO B 387 31.26 1.13 -22.41
N ILE B 388 30.20 0.32 -22.48
CA ILE B 388 30.25 -1.01 -23.10
C ILE B 388 30.73 -0.92 -24.55
N ILE B 389 30.38 0.20 -25.19
CA ILE B 389 30.79 0.45 -26.57
C ILE B 389 32.32 0.64 -26.68
N ASP B 390 32.95 1.12 -25.61
CA ASP B 390 34.42 1.28 -25.59
C ASP B 390 35.07 -0.10 -25.59
N TYR B 391 34.44 -1.04 -24.89
CA TYR B 391 34.91 -2.43 -24.84
C TYR B 391 34.79 -3.08 -26.22
N ILE B 392 33.68 -2.79 -26.90
CA ILE B 392 33.40 -3.31 -28.25
C ILE B 392 34.42 -2.78 -29.27
N LEU B 393 34.68 -1.47 -29.23
CA LEU B 393 35.61 -0.82 -30.15
C LEU B 393 37.09 -1.15 -29.92
N THR B 394 37.41 -1.67 -28.74
CA THR B 394 38.78 -2.04 -28.40
C THR B 394 38.99 -3.57 -28.37
N GLY B 395 37.93 -4.32 -28.72
CA GLY B 395 37.98 -5.78 -28.73
C GLY B 395 38.18 -6.41 -27.37
N ASN B 396 37.61 -5.76 -26.37
CA ASN B 396 37.69 -6.18 -24.98
C ASN B 396 36.39 -6.88 -24.59
N THR B 397 36.51 -8.16 -24.22
CA THR B 397 35.36 -8.98 -23.81
C THR B 397 35.26 -9.15 -22.30
N SER B 398 36.22 -8.57 -21.56
CA SER B 398 36.26 -8.67 -20.11
C SER B 398 35.36 -7.61 -19.44
N TYR B 399 34.06 -7.77 -19.65
CA TYR B 399 33.04 -6.88 -19.09
C TYR B 399 32.90 -7.15 -17.60
N PRO B 400 32.98 -6.11 -16.74
CA PRO B 400 32.83 -6.35 -15.30
C PRO B 400 31.43 -6.84 -14.95
N VAL B 401 31.34 -7.57 -13.84
CA VAL B 401 30.09 -8.17 -13.35
C VAL B 401 28.98 -7.13 -13.15
N SER B 402 29.37 -5.95 -12.66
CA SER B 402 28.45 -4.84 -12.39
C SER B 402 27.73 -4.28 -13.63
N ASP B 403 28.23 -4.58 -14.82
CA ASP B 403 27.60 -4.11 -16.05
C ASP B 403 26.42 -4.98 -16.48
N ASN B 404 26.22 -6.09 -15.78
CA ASN B 404 25.13 -7.05 -16.00
C ASN B 404 24.90 -7.39 -17.47
N ILE B 405 25.98 -7.80 -18.12
CA ILE B 405 25.94 -8.15 -19.53
C ILE B 405 25.29 -9.51 -19.75
N VAL B 406 24.25 -9.51 -20.57
CA VAL B 406 23.55 -10.73 -20.96
C VAL B 406 23.81 -10.76 -22.47
N GLN B 407 24.83 -11.52 -22.85
CA GLN B 407 25.22 -11.63 -24.24
C GLN B 407 24.29 -12.54 -25.03
N VAL B 408 23.69 -11.97 -26.08
CA VAL B 408 22.76 -12.68 -26.95
C VAL B 408 23.36 -12.72 -28.36
N ASP B 409 23.95 -13.87 -28.70
CA ASP B 409 24.60 -14.06 -30.01
C ASP B 409 23.68 -14.49 -31.15
N ALA B 410 22.46 -14.90 -30.80
CA ALA B 410 21.44 -15.34 -31.77
C ALA B 410 21.21 -14.28 -32.84
N VAL B 411 21.24 -14.69 -34.11
CA VAL B 411 21.07 -13.77 -35.24
C VAL B 411 19.65 -13.78 -35.80
N ASP B 412 18.95 -12.65 -35.62
CA ASP B 412 17.57 -12.43 -36.07
C ASP B 412 16.59 -13.52 -35.61
N GLN B 413 16.80 -14.00 -34.39
CA GLN B 413 15.98 -15.04 -33.79
C GLN B 413 15.22 -14.50 -32.59
N TRP B 414 14.07 -15.13 -32.31
CA TRP B 414 13.23 -14.77 -31.17
C TRP B 414 13.86 -15.32 -29.91
N THR B 415 14.08 -14.43 -28.94
CA THR B 415 14.67 -14.81 -27.66
C THR B 415 13.63 -14.59 -26.57
N TYR B 416 13.51 -15.59 -25.70
CA TYR B 416 12.53 -15.59 -24.62
C TYR B 416 13.16 -15.27 -23.27
N TRP B 417 12.53 -14.36 -22.53
CA TRP B 417 13.04 -13.91 -21.23
C TRP B 417 12.02 -13.94 -20.11
N LEU B 418 12.33 -14.70 -19.07
CA LEU B 418 11.45 -14.82 -17.91
C LEU B 418 11.99 -13.95 -16.79
N ILE B 419 11.23 -12.92 -16.44
CA ILE B 419 11.61 -12.00 -15.37
C ILE B 419 10.78 -12.38 -14.14
N GLU B 420 11.47 -12.66 -13.04
CA GLU B 420 10.80 -13.06 -11.79
C GLU B 420 10.93 -11.95 -10.77
N ASN B 421 9.80 -11.58 -10.16
CA ASN B 421 9.76 -10.50 -9.18
C ASN B 421 9.90 -10.90 -7.71
N ASP B 422 11.14 -11.16 -7.28
CA ASP B 422 11.49 -11.52 -5.89
C ASP B 422 10.42 -12.41 -5.21
N PRO B 423 10.13 -13.61 -5.77
CA PRO B 423 9.11 -14.53 -5.22
C PRO B 423 9.35 -15.00 -3.79
N GLU B 424 10.62 -15.21 -3.44
CA GLU B 424 11.02 -15.67 -2.12
C GLU B 424 11.39 -14.53 -1.18
N GLY B 425 11.26 -13.30 -1.66
CA GLY B 425 11.59 -12.12 -0.89
C GLY B 425 10.56 -11.68 0.15
N PRO B 426 10.94 -10.79 1.10
CA PRO B 426 10.11 -10.24 2.18
C PRO B 426 8.85 -9.54 1.64
N PHE B 427 9.06 -8.66 0.68
CA PHE B 427 7.97 -7.94 0.02
C PHE B 427 8.36 -7.67 -1.43
N SER B 428 7.35 -7.60 -2.29
CA SER B 428 7.59 -7.38 -3.71
C SER B 428 6.71 -6.24 -4.23
N LEU B 429 7.33 -5.42 -5.07
CA LEU B 429 6.69 -4.24 -5.66
C LEU B 429 6.56 -4.40 -7.17
N PRO B 430 5.54 -3.75 -7.79
CA PRO B 430 5.35 -3.84 -9.25
C PRO B 430 6.47 -3.03 -9.92
N HIS B 431 6.96 -3.49 -11.06
CA HIS B 431 8.04 -2.82 -11.79
C HIS B 431 7.74 -2.60 -13.27
N PRO B 432 7.81 -1.34 -13.75
CA PRO B 432 7.57 -1.04 -15.17
C PRO B 432 8.84 -1.34 -15.97
N MET B 433 8.93 -2.57 -16.48
CA MET B 433 10.10 -3.01 -17.24
C MET B 433 10.15 -2.43 -18.64
N HIS B 434 11.29 -1.83 -18.97
CA HIS B 434 11.49 -1.18 -20.25
C HIS B 434 12.72 -1.69 -21.00
N LEU B 435 12.57 -1.89 -22.30
CA LEU B 435 13.67 -2.36 -23.15
C LEU B 435 14.07 -1.33 -24.19
N HIS B 436 15.38 -1.10 -24.28
CA HIS B 436 15.95 -0.18 -25.24
C HIS B 436 16.15 -0.94 -26.56
N GLY B 437 16.03 -0.22 -27.66
CA GLY B 437 16.25 -0.77 -28.99
C GLY B 437 15.26 -1.70 -29.65
N HIS B 438 14.26 -2.14 -28.90
CA HIS B 438 13.23 -3.05 -29.42
C HIS B 438 11.90 -2.82 -28.75
N ASP B 439 10.90 -3.44 -29.36
CA ASP B 439 9.56 -3.51 -28.83
C ASP B 439 9.52 -5.00 -28.55
N PHE B 440 9.12 -5.39 -27.35
CA PHE B 440 9.04 -6.80 -27.02
C PHE B 440 7.62 -7.31 -27.10
N LEU B 441 7.47 -8.62 -27.11
CA LEU B 441 6.16 -9.24 -27.12
C LEU B 441 5.86 -9.64 -25.68
N VAL B 442 4.68 -9.25 -25.18
CA VAL B 442 4.29 -9.62 -23.82
C VAL B 442 3.52 -10.94 -23.95
N LEU B 443 4.26 -12.03 -23.81
CA LEU B 443 3.71 -13.38 -23.94
C LEU B 443 2.78 -13.80 -22.82
N GLY B 444 3.04 -13.28 -21.64
CA GLY B 444 2.22 -13.60 -20.49
C GLY B 444 2.85 -13.16 -19.20
N ARG B 445 2.03 -13.20 -18.16
CA ARG B 445 2.46 -12.84 -16.83
C ARG B 445 1.70 -13.69 -15.82
N SER B 446 2.10 -13.59 -14.55
CA SER B 446 1.46 -14.29 -13.45
C SER B 446 0.02 -13.77 -13.31
N PRO B 447 -0.93 -14.58 -12.76
CA PRO B 447 -2.31 -14.15 -12.61
C PRO B 447 -2.52 -12.76 -12.00
N ASP B 448 -3.42 -11.99 -12.62
CA ASP B 448 -3.77 -10.64 -12.19
C ASP B 448 -4.48 -10.68 -10.84
N VAL B 449 -3.71 -10.36 -9.80
CA VAL B 449 -4.18 -10.35 -8.41
C VAL B 449 -3.97 -8.93 -7.83
N PRO B 450 -4.53 -8.61 -6.63
CA PRO B 450 -4.29 -7.25 -6.11
C PRO B 450 -2.80 -6.98 -5.86
N ALA B 451 -2.32 -5.85 -6.37
CA ALA B 451 -0.92 -5.44 -6.27
C ALA B 451 -0.27 -5.45 -4.90
N ALA B 452 -1.04 -5.12 -3.87
CA ALA B 452 -0.54 -5.10 -2.49
C ALA B 452 -0.86 -6.36 -1.71
N SER B 453 -1.44 -7.37 -2.37
CA SER B 453 -1.81 -8.63 -1.72
C SER B 453 -0.67 -9.51 -1.24
N GLN B 454 0.51 -9.28 -1.83
CA GLN B 454 1.75 -10.02 -1.55
C GLN B 454 1.67 -11.51 -1.89
N GLN B 455 0.81 -11.82 -2.86
CA GLN B 455 0.62 -13.19 -3.36
C GLN B 455 1.78 -13.49 -4.31
N ARG B 456 2.45 -14.60 -4.04
CA ARG B 456 3.61 -15.03 -4.82
C ARG B 456 3.28 -16.07 -5.88
N PHE B 457 3.93 -15.95 -7.03
CA PHE B 457 3.77 -16.89 -8.14
C PHE B 457 5.13 -17.15 -8.78
N VAL B 458 5.45 -18.44 -8.94
CA VAL B 458 6.69 -18.88 -9.57
C VAL B 458 6.18 -19.63 -10.81
N PHE B 459 6.87 -19.43 -11.94
CA PHE B 459 6.52 -20.06 -13.22
C PHE B 459 6.42 -21.58 -13.10
N ASP B 460 5.21 -22.08 -13.34
CA ASP B 460 4.91 -23.51 -13.28
C ASP B 460 4.37 -23.90 -14.67
N PRO B 461 5.17 -24.66 -15.46
CA PRO B 461 4.79 -25.10 -16.81
C PRO B 461 3.46 -25.86 -16.93
N ALA B 462 3.06 -26.50 -15.82
CA ALA B 462 1.81 -27.28 -15.74
C ALA B 462 0.53 -26.47 -15.85
N VAL B 463 0.58 -25.22 -15.41
CA VAL B 463 -0.57 -24.31 -15.46
C VAL B 463 -0.33 -23.02 -16.26
N ASP B 464 0.93 -22.59 -16.30
CA ASP B 464 1.31 -21.35 -16.98
C ASP B 464 1.58 -21.36 -18.47
N LEU B 465 1.91 -22.53 -19.02
CA LEU B 465 2.19 -22.68 -20.45
C LEU B 465 0.97 -22.41 -21.34
N ALA B 466 -0.19 -22.83 -20.84
CA ALA B 466 -1.49 -22.66 -21.53
C ALA B 466 -2.03 -21.24 -21.38
N ARG B 467 -1.43 -20.48 -20.46
CA ARG B 467 -1.83 -19.10 -20.19
C ARG B 467 -1.08 -18.09 -21.06
N LEU B 468 -0.04 -18.56 -21.76
CA LEU B 468 0.77 -17.70 -22.62
C LEU B 468 0.11 -17.48 -23.98
N ASN B 469 0.36 -16.31 -24.56
CA ASN B 469 -0.18 -15.94 -25.87
C ASN B 469 0.95 -15.60 -26.84
N GLY B 470 1.00 -16.36 -27.93
CA GLY B 470 1.99 -16.17 -28.96
C GLY B 470 1.39 -15.72 -30.27
N ASP B 471 0.06 -15.58 -30.29
CA ASP B 471 -0.69 -15.16 -31.48
C ASP B 471 -1.00 -13.66 -31.35
N ASN B 472 -0.10 -12.85 -31.93
CA ASN B 472 -0.15 -11.38 -31.92
C ASN B 472 -0.36 -10.77 -30.51
N PRO B 473 0.53 -11.08 -29.56
CA PRO B 473 0.41 -10.54 -28.19
C PRO B 473 0.77 -9.04 -28.17
N PRO B 474 0.53 -8.33 -27.03
CA PRO B 474 0.89 -6.90 -26.97
C PRO B 474 2.37 -6.68 -27.27
N ARG B 475 2.62 -5.77 -28.21
CA ARG B 475 3.98 -5.42 -28.60
C ARG B 475 4.16 -3.97 -28.21
N ARG B 476 5.13 -3.72 -27.33
CA ARG B 476 5.44 -2.38 -26.84
C ARG B 476 6.83 -2.35 -26.21
N ASP B 477 7.25 -1.18 -25.70
CA ASP B 477 8.57 -1.05 -25.10
C ASP B 477 8.59 -1.08 -23.57
N THR B 478 7.42 -0.92 -22.94
CA THR B 478 7.29 -0.92 -21.49
C THR B 478 6.05 -1.70 -21.06
N THR B 479 6.21 -2.56 -20.06
CA THR B 479 5.10 -3.35 -19.51
C THR B 479 5.37 -3.65 -18.03
N MET B 480 4.32 -4.06 -17.32
CA MET B 480 4.43 -4.35 -15.90
C MET B 480 4.84 -5.74 -15.47
N LEU B 481 5.81 -5.76 -14.55
CA LEU B 481 6.27 -6.98 -13.91
C LEU B 481 5.39 -6.97 -12.65
N PRO B 482 4.46 -7.95 -12.53
CA PRO B 482 3.56 -8.01 -11.36
C PRO B 482 4.29 -8.25 -10.06
N ALA B 483 3.77 -7.65 -8.98
CA ALA B 483 4.34 -7.82 -7.65
C ALA B 483 4.24 -9.28 -7.23
N GLY B 484 5.38 -9.83 -6.80
CA GLY B 484 5.46 -11.21 -6.34
C GLY B 484 5.41 -12.29 -7.40
N GLY B 485 5.25 -11.90 -8.66
CA GLY B 485 5.14 -12.87 -9.73
C GLY B 485 6.21 -12.92 -10.77
N TRP B 486 5.78 -13.08 -12.02
CA TRP B 486 6.68 -13.17 -13.15
C TRP B 486 6.11 -12.54 -14.41
N LEU B 487 6.98 -12.41 -15.41
CA LEU B 487 6.64 -11.83 -16.70
C LEU B 487 7.47 -12.52 -17.77
N LEU B 488 6.82 -12.96 -18.84
CA LEU B 488 7.52 -13.61 -19.95
C LEU B 488 7.47 -12.73 -21.19
N LEU B 489 8.66 -12.31 -21.61
CA LEU B 489 8.82 -11.44 -22.78
C LEU B 489 9.63 -12.09 -23.88
N ALA B 490 9.47 -11.58 -25.10
CA ALA B 490 10.20 -12.05 -26.26
C ALA B 490 10.54 -10.92 -27.21
N PHE B 491 11.77 -10.93 -27.72
CA PHE B 491 12.19 -9.93 -28.71
C PHE B 491 13.09 -10.59 -29.75
N ARG B 492 12.99 -10.10 -30.99
CA ARG B 492 13.79 -10.61 -32.10
C ARG B 492 15.11 -9.85 -32.15
N THR B 493 16.20 -10.60 -32.25
CA THR B 493 17.54 -10.03 -32.30
C THR B 493 17.94 -9.44 -33.66
N ASP B 494 17.19 -8.41 -34.07
CA ASP B 494 17.37 -7.72 -35.35
C ASP B 494 18.10 -6.38 -35.27
N ASN B 495 18.71 -6.10 -34.12
CA ASN B 495 19.36 -4.81 -33.91
C ASN B 495 20.61 -4.94 -33.04
N PRO B 496 21.80 -5.20 -33.64
CA PRO B 496 23.04 -5.35 -32.89
C PRO B 496 23.37 -4.11 -32.04
N GLY B 497 23.61 -4.35 -30.76
CA GLY B 497 23.91 -3.26 -29.85
C GLY B 497 23.84 -3.60 -28.39
N ALA B 498 24.24 -2.66 -27.54
CA ALA B 498 24.20 -2.81 -26.09
C ALA B 498 22.91 -2.13 -25.64
N TRP B 499 21.92 -2.95 -25.27
CA TRP B 499 20.61 -2.45 -24.88
C TRP B 499 20.20 -2.66 -23.45
N LEU B 500 19.88 -1.57 -22.77
CA LEU B 500 19.44 -1.65 -21.39
C LEU B 500 18.02 -2.16 -21.29
N PHE B 501 17.82 -3.01 -20.29
CA PHE B 501 16.51 -3.57 -20.00
C PHE B 501 16.43 -3.28 -18.51
N HIS B 502 15.59 -2.31 -18.18
CA HIS B 502 15.47 -1.86 -16.81
C HIS B 502 14.09 -1.46 -16.35
N CYS B 503 13.96 -1.31 -15.03
CA CYS B 503 12.72 -0.84 -14.43
C CYS B 503 12.81 0.67 -14.63
N HIS B 504 11.71 1.29 -15.04
CA HIS B 504 11.71 2.73 -15.28
C HIS B 504 11.46 3.61 -14.06
N ILE B 505 11.28 3.00 -12.89
CA ILE B 505 11.14 3.80 -11.67
C ILE B 505 12.58 4.21 -11.42
N ALA B 506 12.83 5.53 -11.53
CA ALA B 506 14.15 6.12 -11.35
C ALA B 506 14.92 5.65 -10.13
N TRP B 507 14.21 5.48 -9.02
CA TRP B 507 14.81 5.06 -7.76
C TRP B 507 15.32 3.62 -7.80
N HIS B 508 14.66 2.80 -8.61
CA HIS B 508 15.00 1.40 -8.78
C HIS B 508 16.16 1.16 -9.72
N VAL B 509 16.17 1.87 -10.87
CA VAL B 509 17.27 1.72 -11.84
C VAL B 509 18.55 2.33 -11.25
N SER B 510 18.37 3.35 -10.40
CA SER B 510 19.47 4.01 -9.68
C SER B 510 20.03 2.98 -8.69
N GLY B 511 19.10 2.24 -8.08
CA GLY B 511 19.44 1.21 -7.11
C GLY B 511 19.97 -0.08 -7.73
N GLY B 512 20.07 -0.11 -9.06
CA GLY B 512 20.61 -1.25 -9.76
C GLY B 512 19.71 -2.19 -10.56
N LEU B 513 18.41 -1.89 -10.65
CA LEU B 513 17.49 -2.77 -11.39
C LEU B 513 17.59 -2.66 -12.90
N SER B 514 18.58 -3.34 -13.45
CA SER B 514 18.83 -3.36 -14.88
C SER B 514 19.82 -4.42 -15.31
N VAL B 515 19.70 -4.79 -16.58
CA VAL B 515 20.63 -5.68 -17.24
C VAL B 515 20.97 -4.94 -18.52
N ASP B 516 21.95 -5.46 -19.24
CA ASP B 516 22.38 -4.87 -20.49
C ASP B 516 22.48 -6.00 -21.49
N PHE B 517 21.52 -6.03 -22.42
CA PHE B 517 21.50 -7.04 -23.47
C PHE B 517 22.53 -6.67 -24.53
N LEU B 518 23.65 -7.38 -24.53
CA LEU B 518 24.69 -7.15 -25.53
C LEU B 518 24.31 -8.08 -26.69
N GLU B 519 23.55 -7.48 -27.60
CA GLU B 519 23.02 -8.17 -28.77
C GLU B 519 23.99 -8.18 -29.93
N ARG B 520 24.33 -9.40 -30.36
CA ARG B 520 25.24 -9.67 -31.48
C ARG B 520 26.50 -8.77 -31.50
N PRO B 521 27.38 -8.91 -30.46
CA PRO B 521 28.60 -8.11 -30.35
C PRO B 521 29.56 -8.08 -31.53
N ALA B 522 29.64 -9.19 -32.26
CA ALA B 522 30.50 -9.32 -33.44
C ALA B 522 30.00 -8.47 -34.61
N ASP B 523 28.67 -8.43 -34.77
CA ASP B 523 28.01 -7.67 -35.84
C ASP B 523 27.99 -6.17 -35.52
N LEU B 524 27.93 -5.83 -34.24
CA LEU B 524 27.91 -4.45 -33.77
C LEU B 524 29.16 -3.65 -34.13
N ARG B 525 30.33 -4.26 -33.93
CA ARG B 525 31.63 -3.64 -34.21
C ARG B 525 31.81 -3.16 -35.65
N GLN B 526 31.43 -4.00 -36.62
CA GLN B 526 31.56 -3.64 -38.04
C GLN B 526 30.47 -2.71 -38.56
N ARG B 527 29.39 -2.53 -37.78
CA ARG B 527 28.29 -1.64 -38.15
C ARG B 527 28.43 -0.23 -37.60
N ILE B 528 29.45 -0.03 -36.75
CA ILE B 528 29.73 1.30 -36.18
C ILE B 528 30.56 2.10 -37.19
N SER B 529 29.99 3.20 -37.64
CA SER B 529 30.62 4.11 -38.61
C SER B 529 31.82 4.83 -37.99
N GLN B 530 32.71 5.34 -38.84
CA GLN B 530 33.89 6.08 -38.40
C GLN B 530 33.50 7.37 -37.68
N GLU B 531 32.42 8.00 -38.14
CA GLU B 531 31.88 9.23 -37.54
C GLU B 531 31.35 8.99 -36.12
N ASP B 532 30.68 7.86 -35.92
CA ASP B 532 30.13 7.49 -34.62
C ASP B 532 31.22 7.06 -33.65
N GLU B 533 32.26 6.42 -34.16
CA GLU B 533 33.41 5.97 -33.36
C GLU B 533 34.25 7.15 -32.91
N ASP B 534 34.56 8.06 -33.85
CA ASP B 534 35.38 9.25 -33.57
C ASP B 534 34.69 10.18 -32.58
N ASP B 535 33.38 10.37 -32.76
CA ASP B 535 32.61 11.24 -31.88
C ASP B 535 32.42 10.63 -30.48
N PHE B 536 32.32 9.31 -30.43
CA PHE B 536 32.19 8.55 -29.19
C PHE B 536 33.47 8.77 -28.36
N ASN B 537 34.61 8.60 -29.03
CA ASN B 537 35.93 8.77 -28.42
C ASN B 537 36.19 10.21 -27.99
N ARG B 538 35.66 11.16 -28.78
CA ARG B 538 35.80 12.60 -28.50
C ARG B 538 35.09 12.97 -27.20
N VAL B 539 33.81 12.59 -27.09
CA VAL B 539 32.99 12.86 -25.91
C VAL B 539 33.57 12.13 -24.69
N CYS B 540 34.09 10.91 -24.91
CA CYS B 540 34.70 10.14 -23.83
C CYS B 540 36.01 10.75 -23.32
N ASP B 541 36.81 11.30 -24.23
CA ASP B 541 38.07 11.96 -23.87
C ASP B 541 37.77 13.22 -23.06
N GLU B 542 36.74 13.96 -23.49
CA GLU B 542 36.31 15.20 -22.84
C GLU B 542 35.70 14.90 -21.47
N TRP B 543 34.96 13.79 -21.36
CA TRP B 543 34.35 13.40 -20.10
C TRP B 543 35.40 12.95 -19.09
N ARG B 544 36.34 12.10 -19.57
CA ARG B 544 37.42 11.58 -18.73
C ARG B 544 38.37 12.66 -18.23
N ALA B 545 38.45 13.76 -18.99
CA ALA B 545 39.27 14.91 -18.61
C ALA B 545 38.50 15.75 -17.60
N TYR B 546 37.17 15.72 -17.71
CA TYR B 546 36.33 16.47 -16.78
C TYR B 546 36.13 15.78 -15.43
N TRP B 547 35.81 14.48 -15.43
CA TRP B 547 35.52 13.74 -14.20
C TRP B 547 36.36 13.95 -12.92
N PRO B 548 37.73 13.96 -13.00
CA PRO B 548 38.49 14.19 -11.76
C PRO B 548 38.28 15.55 -11.09
N THR B 549 37.73 16.50 -11.85
CA THR B 549 37.47 17.87 -11.37
C THR B 549 36.06 18.04 -10.75
N ASN B 550 35.22 17.02 -10.90
CA ASN B 550 33.84 17.05 -10.37
C ASN B 550 33.86 16.99 -8.83
N PRO B 551 33.19 17.96 -8.15
CA PRO B 551 33.16 17.99 -6.68
C PRO B 551 32.23 16.97 -6.02
N TYR B 552 31.38 16.33 -6.81
CA TYR B 552 30.41 15.35 -6.31
C TYR B 552 30.70 13.92 -6.77
N PRO B 553 30.47 12.92 -5.88
CA PRO B 553 30.72 11.53 -6.29
C PRO B 553 29.51 10.90 -7.00
N LYS B 554 29.73 9.71 -7.56
CA LYS B 554 28.68 8.94 -8.23
C LYS B 554 28.09 8.10 -7.09
N ILE B 555 26.85 8.44 -6.70
CA ILE B 555 26.16 7.75 -5.60
C ILE B 555 25.27 6.56 -5.98
N ASP B 556 25.05 6.36 -7.27
CA ASP B 556 24.19 5.27 -7.75
C ASP B 556 24.74 4.49 -8.94
N SER B 557 23.86 3.77 -9.65
CA SER B 557 24.20 2.97 -10.83
C SER B 557 24.71 3.78 -12.00
N GLY B 558 24.22 5.03 -12.08
CA GLY B 558 24.58 5.93 -13.15
C GLY B 558 23.53 5.97 -14.24
N LEU B 559 22.48 5.16 -14.06
CA LEU B 559 21.38 5.04 -15.02
C LEU B 559 20.04 5.54 -14.49
#